data_8F6U
#
_entry.id   8F6U
#
_cell.length_a   115.185
_cell.length_b   185.941
_cell.length_c   106.753
_cell.angle_alpha   90.000
_cell.angle_beta   90.000
_cell.angle_gamma   90.000
#
_symmetry.space_group_name_H-M   'C 2 2 21'
#
loop_
_entity.id
_entity.type
_entity.pdbx_description
1 polymer 'CFTR inhibitory factor'
2 polymer 'Nanobody VHH113'
3 water water
#
loop_
_entity_poly.entity_id
_entity_poly.type
_entity_poly.pdbx_seq_one_letter_code
_entity_poly.pdbx_strand_id
1 'polypeptide(L)'
;AEEFPVPNGFESAYREVDGVKLHYVKGGQGPLVMLVHGFGQTWYEWHQLMPELAKRFTVIAPDLPGLGQSEPPKTGYSGE
QVAVYLHKLARQFSPDRPFDLVAHDIGIWNTYPMVVKNQADIARLVYMEAPIPDARIYRFPAFTAQGESLVWHFSFFAAD
DRLAETLIAGKERFFLEHFIKSHASNTEVFSERLLDLYARSYAKPHSLNASFEYYRALNESVRQNAELAKTRLQMPTMTL
AGGGHGGMGTFQLEQMKAYAEDVEGHVLPGCGHWLPEECAAPMNRLVIDFLSRGRHHHHHH
;
D,C
2 'polypeptide(L)'
;MAEVQLVESGGGLVPAGGSLRLSCTTSERAFRSNAMGWFRQAPGKEREFVAAVSVLSWSGDSAVVADSVAGRFTIFRDNA
KNTVYLQMNSLKPEDTAVYYCNGASDIGALQSGASSWSWGHGTQVTVSSGQAGQHHHHHHGAYPYDVPDYASGS
;
B,A
#
# COMPACT_ATOMS: atom_id res chain seq x y z
N ALA A 1 -25.21 27.86 -13.35
CA ALA A 1 -24.74 26.51 -13.61
C ALA A 1 -24.18 25.91 -12.32
N GLU A 2 -24.51 24.65 -12.05
CA GLU A 2 -24.06 23.96 -10.85
C GLU A 2 -23.69 22.52 -11.18
N GLU A 3 -22.61 22.03 -10.59
CA GLU A 3 -22.29 20.61 -10.74
C GLU A 3 -23.26 19.72 -9.96
N PHE A 4 -23.89 20.23 -8.91
CA PHE A 4 -24.76 19.47 -8.03
C PHE A 4 -25.98 20.28 -7.66
N PRO A 5 -27.13 19.63 -7.44
CA PRO A 5 -28.34 20.37 -7.07
C PRO A 5 -28.20 21.06 -5.71
N VAL A 6 -28.56 22.33 -5.66
CA VAL A 6 -28.49 23.12 -4.42
C VAL A 6 -29.81 22.99 -3.67
N PRO A 7 -29.81 22.63 -2.38
CA PRO A 7 -31.09 22.45 -1.68
C PRO A 7 -31.85 23.76 -1.53
N ASN A 8 -33.16 23.63 -1.34
N ASN A 8 -33.16 23.63 -1.35
CA ASN A 8 -34.01 24.81 -1.24
CA ASN A 8 -34.01 24.79 -1.20
C ASN A 8 -33.66 25.61 0.01
C ASN A 8 -33.62 25.61 0.02
N GLY A 9 -33.58 26.93 -0.15
CA GLY A 9 -33.21 27.80 0.95
C GLY A 9 -31.73 27.98 1.13
N PHE A 10 -30.91 27.40 0.26
CA PHE A 10 -29.47 27.58 0.33
C PHE A 10 -29.00 28.38 -0.87
N GLU A 11 -27.87 29.06 -0.69
CA GLU A 11 -27.27 29.91 -1.70
C GLU A 11 -25.95 29.29 -2.13
N SER A 12 -25.72 29.20 -3.43
CA SER A 12 -24.42 28.82 -3.96
C SER A 12 -23.68 30.09 -4.36
N ALA A 13 -22.49 30.30 -3.80
CA ALA A 13 -21.80 31.57 -3.98
C ALA A 13 -20.30 31.35 -4.02
N TYR A 14 -19.56 32.43 -4.25
CA TYR A 14 -18.11 32.36 -4.39
C TYR A 14 -17.47 33.49 -3.60
N ARG A 15 -16.26 33.24 -3.11
CA ARG A 15 -15.51 34.26 -2.38
C ARG A 15 -14.04 34.09 -2.70
N GLU A 16 -13.39 35.17 -3.12
CA GLU A 16 -11.96 35.11 -3.36
C GLU A 16 -11.23 35.17 -2.04
N VAL A 17 -10.33 34.23 -1.80
CA VAL A 17 -9.52 34.18 -0.59
C VAL A 17 -8.08 34.01 -1.02
N ASP A 18 -7.25 35.03 -0.76
CA ASP A 18 -5.84 35.00 -1.15
C ASP A 18 -5.66 34.65 -2.63
N GLY A 19 -6.51 35.22 -3.48
CA GLY A 19 -6.36 35.00 -4.91
C GLY A 19 -6.93 33.70 -5.44
N VAL A 20 -7.68 32.97 -4.62
CA VAL A 20 -8.28 31.70 -4.99
C VAL A 20 -9.79 31.86 -4.86
N LYS A 21 -10.50 31.60 -5.96
CA LYS A 21 -11.96 31.72 -5.94
C LYS A 21 -12.55 30.46 -5.34
N LEU A 22 -13.12 30.57 -4.14
CA LEU A 22 -13.70 29.42 -3.44
C LEU A 22 -15.20 29.38 -3.66
N HIS A 23 -15.71 28.20 -3.97
CA HIS A 23 -17.14 27.97 -4.03
C HIS A 23 -17.65 27.45 -2.69
N TYR A 24 -18.84 27.88 -2.30
CA TYR A 24 -19.45 27.31 -1.11
C TYR A 24 -20.96 27.37 -1.26
N VAL A 25 -21.65 26.55 -0.47
CA VAL A 25 -23.09 26.58 -0.37
C VAL A 25 -23.45 26.93 1.07
N LYS A 26 -24.36 27.90 1.23
CA LYS A 26 -24.61 28.47 2.56
C LYS A 26 -26.11 28.63 2.78
N GLY A 27 -26.53 28.45 4.02
CA GLY A 27 -27.92 28.67 4.37
C GLY A 27 -28.10 28.57 5.87
N GLY A 28 -29.30 28.94 6.33
CA GLY A 28 -29.61 28.88 7.73
C GLY A 28 -29.29 30.17 8.48
N GLN A 29 -29.57 30.13 9.78
CA GLN A 29 -29.39 31.27 10.68
C GLN A 29 -28.86 30.76 11.99
N GLY A 30 -28.08 31.61 12.67
CA GLY A 30 -27.48 31.23 13.93
C GLY A 30 -25.97 31.13 13.86
N PRO A 31 -25.34 30.58 14.90
CA PRO A 31 -23.88 30.42 14.86
C PRO A 31 -23.45 29.57 13.68
N LEU A 32 -22.21 29.78 13.25
CA LEU A 32 -21.70 29.20 12.01
C LEU A 32 -21.18 27.78 12.23
N VAL A 33 -21.51 26.90 11.30
CA VAL A 33 -20.87 25.59 11.23
C VAL A 33 -20.36 25.43 9.82
N MET A 34 -19.09 25.11 9.68
CA MET A 34 -18.47 24.82 8.39
C MET A 34 -18.31 23.31 8.23
N LEU A 35 -18.78 22.80 7.09
CA LEU A 35 -18.69 21.38 6.75
C LEU A 35 -17.70 21.24 5.60
N VAL A 36 -16.66 20.42 5.79
CA VAL A 36 -15.59 20.28 4.81
C VAL A 36 -15.55 18.85 4.31
N HIS A 37 -15.79 18.67 3.01
CA HIS A 37 -15.84 17.37 2.36
C HIS A 37 -14.45 16.81 2.15
N GLY A 38 -14.40 15.59 1.58
CA GLY A 38 -13.12 14.93 1.29
C GLY A 38 -12.92 14.49 -0.14
N PHE A 39 -11.98 13.56 -0.35
CA PHE A 39 -11.61 13.14 -1.68
C PHE A 39 -12.76 12.46 -2.40
N GLY A 40 -12.84 12.66 -3.70
CA GLY A 40 -13.85 12.02 -4.52
C GLY A 40 -15.19 12.68 -4.45
N GLN A 41 -15.35 13.69 -3.58
CA GLN A 41 -16.64 14.32 -3.39
C GLN A 41 -16.50 15.83 -3.38
N THR A 42 -17.58 16.51 -3.00
CA THR A 42 -17.66 17.96 -2.99
C THR A 42 -18.53 18.34 -1.82
N TRP A 43 -18.89 19.63 -1.75
CA TRP A 43 -19.85 20.11 -0.75
C TRP A 43 -21.11 19.25 -0.72
N TYR A 44 -21.48 18.66 -1.86
CA TYR A 44 -22.75 17.96 -1.99
C TYR A 44 -22.87 16.73 -1.07
N GLU A 45 -21.77 16.15 -0.59
CA GLU A 45 -21.94 15.02 0.31
C GLU A 45 -22.67 15.43 1.58
N TRP A 46 -22.71 16.73 1.88
CA TRP A 46 -23.39 17.27 3.05
C TRP A 46 -24.84 17.65 2.79
N HIS A 47 -25.37 17.40 1.59
CA HIS A 47 -26.66 18.00 1.24
C HIS A 47 -27.82 17.43 2.04
N GLN A 48 -27.67 16.25 2.65
CA GLN A 48 -28.73 15.74 3.50
C GLN A 48 -28.65 16.27 4.92
N LEU A 49 -27.45 16.56 5.41
CA LEU A 49 -27.27 17.15 6.73
C LEU A 49 -27.60 18.64 6.74
N MET A 50 -27.30 19.34 5.66
CA MET A 50 -27.40 20.81 5.67
C MET A 50 -28.80 21.32 6.01
N PRO A 51 -29.90 20.82 5.42
CA PRO A 51 -31.21 21.37 5.77
C PRO A 51 -31.59 21.16 7.22
N GLU A 52 -31.17 20.05 7.83
CA GLU A 52 -31.50 19.80 9.22
C GLU A 52 -30.65 20.69 10.13
N LEU A 53 -29.36 20.77 9.86
CA LEU A 53 -28.48 21.61 10.66
C LEU A 53 -28.83 23.09 10.51
N ALA A 54 -29.36 23.49 9.36
CA ALA A 54 -29.70 24.89 9.13
C ALA A 54 -30.89 25.36 9.95
N LYS A 55 -31.59 24.45 10.62
CA LYS A 55 -32.70 24.86 11.47
C LYS A 55 -32.21 25.58 12.72
N ARG A 56 -30.95 25.37 13.12
CA ARG A 56 -30.39 26.01 14.30
C ARG A 56 -29.08 26.73 14.05
N PHE A 57 -28.47 26.60 12.87
CA PHE A 57 -27.17 27.17 12.61
C PHE A 57 -27.13 27.81 11.23
N THR A 58 -26.16 28.71 11.06
CA THR A 58 -25.78 29.08 9.70
C THR A 58 -24.80 28.02 9.24
N VAL A 59 -25.06 27.44 8.07
CA VAL A 59 -24.28 26.30 7.58
C VAL A 59 -23.57 26.73 6.31
N ILE A 60 -22.26 26.48 6.24
CA ILE A 60 -21.49 26.77 5.03
C ILE A 60 -20.67 25.54 4.67
N ALA A 61 -20.78 25.11 3.41
CA ALA A 61 -20.06 23.95 2.91
C ALA A 61 -19.23 24.36 1.70
N PRO A 62 -17.93 24.59 1.87
CA PRO A 62 -17.09 24.96 0.73
C PRO A 62 -16.64 23.75 -0.06
N ASP A 63 -16.25 24.01 -1.30
CA ASP A 63 -15.51 23.05 -2.10
C ASP A 63 -14.04 23.26 -1.81
N LEU A 64 -13.31 22.18 -1.52
CA LEU A 64 -11.88 22.29 -1.26
C LEU A 64 -11.18 22.87 -2.49
N PRO A 65 -10.11 23.64 -2.31
CA PRO A 65 -9.40 24.21 -3.46
C PRO A 65 -9.06 23.15 -4.51
N GLY A 66 -9.41 23.47 -5.76
CA GLY A 66 -9.16 22.58 -6.88
C GLY A 66 -10.27 21.58 -7.13
N LEU A 67 -11.13 21.32 -6.16
CA LEU A 67 -12.20 20.35 -6.27
C LEU A 67 -13.54 21.08 -6.38
N GLY A 68 -14.56 20.34 -6.82
CA GLY A 68 -15.85 20.96 -7.04
C GLY A 68 -15.69 22.17 -7.92
N GLN A 69 -16.23 23.30 -7.46
CA GLN A 69 -16.17 24.56 -8.21
C GLN A 69 -15.20 25.56 -7.60
N SER A 70 -14.24 25.10 -6.78
CA SER A 70 -13.23 25.98 -6.20
C SER A 70 -11.94 25.92 -7.02
N GLU A 71 -11.33 27.09 -7.24
CA GLU A 71 -10.04 27.14 -7.91
C GLU A 71 -8.97 26.41 -7.11
N PRO A 72 -7.94 25.89 -7.78
CA PRO A 72 -6.83 25.26 -7.06
C PRO A 72 -6.15 26.27 -6.15
N PRO A 73 -5.49 25.78 -5.10
CA PRO A 73 -4.71 26.70 -4.27
C PRO A 73 -3.53 27.27 -5.05
N LYS A 74 -3.10 28.45 -4.65
CA LYS A 74 -1.97 29.07 -5.31
C LYS A 74 -0.70 29.02 -4.48
N THR A 75 -0.80 28.64 -3.21
CA THR A 75 0.38 28.36 -2.40
C THR A 75 0.78 26.90 -2.54
N GLY A 76 -0.08 25.99 -2.11
CA GLY A 76 0.24 24.58 -2.19
C GLY A 76 -0.89 23.77 -1.58
N TYR A 77 -0.70 22.45 -1.59
CA TYR A 77 -1.75 21.53 -1.16
C TYR A 77 -1.50 20.92 0.21
N SER A 78 -0.43 21.30 0.89
CA SER A 78 -0.23 20.78 2.24
C SER A 78 -1.33 21.27 3.18
N GLY A 79 -1.53 20.53 4.26
CA GLY A 79 -2.58 20.87 5.20
C GLY A 79 -2.47 22.29 5.72
N GLU A 80 -1.27 22.72 6.07
CA GLU A 80 -1.13 24.07 6.62
C GLU A 80 -1.38 25.13 5.56
N GLN A 81 -1.09 24.84 4.29
CA GLN A 81 -1.36 25.82 3.23
C GLN A 81 -2.85 25.92 2.93
N VAL A 82 -3.51 24.77 2.78
CA VAL A 82 -4.93 24.78 2.43
C VAL A 82 -5.76 25.29 3.59
N ALA A 83 -5.35 25.00 4.83
CA ALA A 83 -6.12 25.46 5.99
C ALA A 83 -6.27 26.97 6.01
N VAL A 84 -5.29 27.71 5.48
CA VAL A 84 -5.40 29.17 5.46
C VAL A 84 -6.65 29.61 4.71
N TYR A 85 -6.88 29.02 3.52
CA TYR A 85 -8.04 29.40 2.71
C TYR A 85 -9.33 29.15 3.46
N LEU A 86 -9.45 27.97 4.10
CA LEU A 86 -10.69 27.62 4.79
C LEU A 86 -10.89 28.46 6.05
N HIS A 87 -9.81 28.75 6.75
CA HIS A 87 -9.90 29.59 7.94
C HIS A 87 -10.37 30.99 7.59
N LYS A 88 -9.75 31.61 6.58
CA LYS A 88 -10.15 32.95 6.21
C LYS A 88 -11.59 32.97 5.70
N LEU A 89 -12.01 31.93 4.97
CA LEU A 89 -13.39 31.86 4.53
C LEU A 89 -14.34 31.82 5.73
N ALA A 90 -14.09 30.92 6.68
CA ALA A 90 -14.98 30.78 7.83
C ALA A 90 -15.02 32.08 8.64
N ARG A 91 -13.86 32.70 8.88
CA ARG A 91 -13.82 33.91 9.69
C ARG A 91 -14.48 35.10 9.01
N GLN A 92 -14.59 35.11 7.68
CA GLN A 92 -15.37 36.18 7.07
C GLN A 92 -16.86 36.04 7.33
N PHE A 93 -17.35 34.84 7.64
CA PHE A 93 -18.76 34.66 7.97
C PHE A 93 -19.03 34.60 9.47
N SER A 94 -18.01 34.42 10.29
CA SER A 94 -18.15 34.45 11.74
C SER A 94 -16.96 35.20 12.30
N PRO A 95 -16.87 36.51 12.03
CA PRO A 95 -15.67 37.25 12.45
C PRO A 95 -15.58 37.49 13.94
N ASP A 96 -16.70 37.47 14.67
CA ASP A 96 -16.69 37.89 16.06
C ASP A 96 -17.12 36.80 17.04
N ARG A 97 -17.46 35.61 16.55
CA ARG A 97 -17.80 34.47 17.39
C ARG A 97 -17.05 33.24 16.90
N PRO A 98 -16.74 32.30 17.79
CA PRO A 98 -16.19 31.01 17.33
C PRO A 98 -17.22 30.25 16.51
N PHE A 99 -16.74 29.41 15.62
CA PHE A 99 -17.61 28.63 14.77
C PHE A 99 -17.33 27.14 14.97
N ASP A 100 -18.28 26.32 14.52
CA ASP A 100 -18.13 24.87 14.60
C ASP A 100 -17.55 24.35 13.29
N LEU A 101 -16.85 23.22 13.39
CA LEU A 101 -16.20 22.59 12.25
C LEU A 101 -16.55 21.11 12.20
N VAL A 102 -17.03 20.65 11.06
CA VAL A 102 -17.27 19.25 10.76
C VAL A 102 -16.46 18.92 9.52
N ALA A 103 -15.64 17.89 9.57
CA ALA A 103 -14.78 17.55 8.43
C ALA A 103 -14.74 16.04 8.23
N HIS A 104 -14.66 15.66 6.97
CA HIS A 104 -14.68 14.27 6.55
C HIS A 104 -13.49 14.00 5.64
N ASP A 105 -12.80 12.89 5.85
CA ASP A 105 -11.73 12.43 4.96
C ASP A 105 -10.66 13.52 4.87
N ILE A 106 -10.19 13.89 3.67
CA ILE A 106 -9.11 14.87 3.59
C ILE A 106 -9.54 16.25 4.04
N GLY A 107 -10.83 16.46 4.29
CA GLY A 107 -11.22 17.68 4.98
C GLY A 107 -10.57 17.79 6.34
N ILE A 108 -10.27 16.66 6.97
CA ILE A 108 -9.51 16.66 8.22
C ILE A 108 -8.10 17.19 7.96
N TRP A 109 -7.44 16.68 6.93
CA TRP A 109 -6.07 17.10 6.61
C TRP A 109 -6.00 18.61 6.43
N ASN A 110 -7.01 19.18 5.78
CA ASN A 110 -7.01 20.57 5.37
C ASN A 110 -7.60 21.51 6.41
N THR A 111 -7.99 20.99 7.57
CA THR A 111 -8.51 21.84 8.63
C THR A 111 -7.73 21.71 9.92
N TYR A 112 -7.07 20.58 10.17
CA TYR A 112 -6.39 20.40 11.45
C TYR A 112 -5.44 21.55 11.76
N PRO A 113 -4.60 22.04 10.83
CA PRO A 113 -3.73 23.17 11.20
C PRO A 113 -4.50 24.42 11.59
N MET A 114 -5.62 24.70 10.93
CA MET A 114 -6.45 25.83 11.33
C MET A 114 -6.95 25.68 12.76
N VAL A 115 -7.40 24.48 13.12
CA VAL A 115 -7.97 24.25 14.44
C VAL A 115 -6.91 24.41 15.52
N VAL A 116 -5.74 23.80 15.34
CA VAL A 116 -4.76 23.83 16.43
C VAL A 116 -4.12 25.20 16.56
N LYS A 117 -4.02 25.96 15.46
CA LYS A 117 -3.42 27.28 15.49
C LYS A 117 -4.39 28.38 15.87
N ASN A 118 -5.69 28.10 15.87
CA ASN A 118 -6.73 29.10 16.16
C ASN A 118 -7.77 28.48 17.07
N GLN A 119 -7.35 27.92 18.21
CA GLN A 119 -8.28 27.14 19.01
C GLN A 119 -9.43 28.00 19.52
N ALA A 120 -9.17 29.28 19.81
CA ALA A 120 -10.23 30.15 20.26
C ALA A 120 -11.31 30.37 19.20
N ASP A 121 -10.98 30.16 17.92
CA ASP A 121 -11.96 30.33 16.85
C ASP A 121 -12.89 29.14 16.67
N ILE A 122 -12.62 28.01 17.33
CA ILE A 122 -13.35 26.77 17.10
C ILE A 122 -14.11 26.42 18.37
N ALA A 123 -15.44 26.45 18.29
CA ALA A 123 -16.25 26.12 19.46
C ALA A 123 -16.30 24.61 19.69
N ARG A 124 -16.79 23.87 18.70
CA ARG A 124 -16.86 22.41 18.77
C ARG A 124 -16.38 21.82 17.46
N LEU A 125 -15.84 20.59 17.54
CA LEU A 125 -15.14 19.96 16.42
C LEU A 125 -15.71 18.57 16.18
N VAL A 126 -16.02 18.25 14.92
CA VAL A 126 -16.42 16.89 14.55
C VAL A 126 -15.52 16.43 13.40
N TYR A 127 -14.80 15.34 13.61
CA TYR A 127 -13.92 14.77 12.61
C TYR A 127 -14.40 13.35 12.29
N MET A 128 -14.50 13.02 11.00
CA MET A 128 -14.95 11.68 10.65
C MET A 128 -14.11 11.09 9.53
N GLU A 129 -13.73 9.82 9.71
CA GLU A 129 -13.30 8.96 8.60
C GLU A 129 -12.10 9.52 7.86
N ALA A 130 -11.02 9.69 8.60
CA ALA A 130 -9.68 9.83 8.03
C ALA A 130 -8.67 10.02 9.15
N PRO A 131 -7.44 9.58 8.97
CA PRO A 131 -6.40 9.92 9.93
C PRO A 131 -5.99 11.38 9.85
N ILE A 132 -5.70 11.95 11.00
CA ILE A 132 -4.96 13.22 10.92
C ILE A 132 -3.56 12.87 10.41
N PRO A 133 -3.00 13.60 9.44
CA PRO A 133 -1.68 13.20 8.91
C PRO A 133 -0.60 13.15 9.99
N ASP A 134 -0.10 11.96 10.26
CA ASP A 134 1.03 11.77 11.16
C ASP A 134 1.64 10.41 10.84
N ALA A 135 2.71 10.05 11.57
CA ALA A 135 3.44 8.85 11.19
C ALA A 135 2.64 7.57 11.39
N ARG A 136 1.49 7.62 12.06
CA ARG A 136 0.63 6.44 12.13
C ARG A 136 0.23 5.98 10.74
N ILE A 137 0.15 6.89 9.77
CA ILE A 137 -0.31 6.48 8.45
C ILE A 137 0.70 5.58 7.75
N TYR A 138 1.96 5.60 8.18
CA TYR A 138 2.97 4.72 7.61
C TYR A 138 2.86 3.30 8.10
N ARG A 139 1.95 3.02 9.03
CA ARG A 139 1.78 1.68 9.55
C ARG A 139 0.66 0.91 8.84
N PHE A 140 -0.17 1.59 8.07
CA PHE A 140 -1.26 0.92 7.34
C PHE A 140 -0.66 -0.07 6.34
N PRO A 141 -1.17 -1.29 6.27
CA PRO A 141 -0.58 -2.27 5.36
C PRO A 141 -0.99 -2.06 3.91
N ALA A 142 -0.05 -2.42 3.01
CA ALA A 142 -0.28 -2.26 1.58
C ALA A 142 -1.23 -3.32 1.04
N PHE A 143 -1.20 -4.50 1.64
CA PHE A 143 -1.92 -5.67 1.16
C PHE A 143 -2.42 -6.44 2.38
N THR A 144 -3.53 -7.16 2.24
CA THR A 144 -4.13 -7.80 3.40
C THR A 144 -4.54 -9.22 3.07
N ALA A 145 -4.87 -9.99 4.11
CA ALA A 145 -5.32 -11.36 3.95
C ALA A 145 -6.69 -11.46 3.31
N GLN A 146 -7.36 -10.35 3.12
CA GLN A 146 -8.59 -10.39 2.33
C GLN A 146 -8.40 -9.69 0.99
N GLY A 147 -7.15 -9.47 0.61
CA GLY A 147 -6.86 -8.91 -0.69
C GLY A 147 -6.60 -7.42 -0.64
N GLU A 148 -7.03 -6.72 -1.69
CA GLU A 148 -6.84 -5.29 -1.86
C GLU A 148 -7.09 -4.50 -0.58
N SER A 149 -6.10 -3.73 -0.14
CA SER A 149 -6.27 -2.87 1.02
C SER A 149 -7.07 -1.63 0.65
N LEU A 150 -7.38 -0.83 1.67
CA LEU A 150 -8.15 0.39 1.51
C LEU A 150 -7.26 1.61 1.36
N VAL A 151 -5.94 1.44 1.44
CA VAL A 151 -5.03 2.56 1.53
C VAL A 151 -3.94 2.54 0.48
N TRP A 152 -3.95 1.57 -0.45
CA TRP A 152 -2.92 1.58 -1.49
C TRP A 152 -3.01 2.84 -2.34
N HIS A 153 -4.18 3.48 -2.39
CA HIS A 153 -4.30 4.70 -3.17
C HIS A 153 -3.43 5.82 -2.63
N PHE A 154 -3.04 5.80 -1.35
CA PHE A 154 -2.12 6.83 -0.87
C PHE A 154 -0.90 6.89 -1.79
N SER A 155 -0.32 5.74 -2.09
CA SER A 155 0.90 5.71 -2.88
C SER A 155 0.62 5.90 -4.37
N PHE A 156 -0.48 5.31 -4.87
CA PHE A 156 -0.85 5.54 -6.28
C PHE A 156 -1.03 7.03 -6.55
N PHE A 157 -1.75 7.72 -5.67
CA PHE A 157 -2.03 9.13 -5.89
C PHE A 157 -0.78 9.97 -5.68
N ALA A 158 0.07 9.58 -4.72
CA ALA A 158 1.29 10.34 -4.44
C ALA A 158 2.40 10.09 -5.46
N ALA A 159 2.26 9.10 -6.34
CA ALA A 159 3.34 8.77 -7.27
C ALA A 159 3.63 9.94 -8.20
N ASP A 160 4.91 10.07 -8.53
N ASP A 160 4.90 10.12 -8.53
CA ASP A 160 5.40 11.14 -9.40
CA ASP A 160 5.25 11.28 -9.35
C ASP A 160 4.99 10.88 -10.84
C ASP A 160 5.09 10.97 -10.83
N ASP A 161 5.40 11.81 -11.71
N ASP A 161 5.42 11.97 -11.66
CA ASP A 161 5.22 11.70 -13.16
CA ASP A 161 5.25 11.93 -13.11
C ASP A 161 3.76 11.64 -13.55
C ASP A 161 3.80 11.67 -13.51
N ARG A 162 2.86 12.17 -12.69
CA ARG A 162 1.43 12.16 -13.00
C ARG A 162 0.92 10.76 -13.31
N LEU A 163 1.42 9.77 -12.57
CA LEU A 163 1.00 8.39 -12.80
C LEU A 163 -0.51 8.24 -12.70
N ALA A 164 -1.11 8.78 -11.63
CA ALA A 164 -2.54 8.61 -11.42
C ALA A 164 -3.36 9.29 -12.52
N GLU A 165 -3.03 10.55 -12.85
CA GLU A 165 -3.80 11.24 -13.89
C GLU A 165 -3.69 10.50 -15.21
N THR A 166 -2.49 10.00 -15.52
CA THR A 166 -2.28 9.35 -16.80
C THR A 166 -3.07 8.04 -16.87
N LEU A 167 -3.05 7.25 -15.81
CA LEU A 167 -3.79 5.99 -15.83
C LEU A 167 -5.29 6.20 -15.72
N ILE A 168 -5.75 7.21 -14.98
CA ILE A 168 -7.17 7.37 -14.78
C ILE A 168 -7.83 8.11 -15.95
N ALA A 169 -7.06 8.85 -16.72
CA ALA A 169 -7.63 9.59 -17.86
C ALA A 169 -8.36 8.66 -18.80
N GLY A 170 -9.59 9.04 -19.17
CA GLY A 170 -10.44 8.19 -19.96
C GLY A 170 -11.20 7.15 -19.18
N LYS A 171 -10.85 6.93 -17.91
CA LYS A 171 -11.52 5.97 -17.06
C LYS A 171 -11.99 6.63 -15.76
N GLU A 172 -12.28 7.93 -15.80
CA GLU A 172 -12.59 8.66 -14.56
C GLU A 172 -13.81 8.07 -13.86
N ARG A 173 -14.88 7.82 -14.62
CA ARG A 173 -16.09 7.30 -13.99
C ARG A 173 -15.89 5.88 -13.47
N PHE A 174 -15.21 5.05 -14.25
CA PHE A 174 -14.92 3.68 -13.82
C PHE A 174 -14.10 3.69 -12.52
N PHE A 175 -13.06 4.51 -12.49
CA PHE A 175 -12.20 4.49 -11.31
C PHE A 175 -12.93 4.99 -10.08
N LEU A 176 -13.70 6.07 -10.21
CA LEU A 176 -14.31 6.65 -9.01
C LEU A 176 -15.39 5.74 -8.46
N GLU A 177 -16.12 5.04 -9.33
CA GLU A 177 -17.10 4.08 -8.83
C GLU A 177 -16.41 2.97 -8.06
N HIS A 178 -15.29 2.47 -8.56
N HIS A 178 -15.32 2.42 -8.61
CA HIS A 178 -14.61 1.40 -7.84
CA HIS A 178 -14.56 1.41 -7.85
C HIS A 178 -13.94 1.89 -6.57
C HIS A 178 -14.10 1.96 -6.52
N PHE A 179 -13.45 3.13 -6.55
CA PHE A 179 -12.90 3.70 -5.32
C PHE A 179 -13.99 3.87 -4.26
N ILE A 180 -15.12 4.46 -4.65
CA ILE A 180 -16.17 4.74 -3.67
C ILE A 180 -16.78 3.45 -3.16
N LYS A 181 -17.13 2.54 -4.07
CA LYS A 181 -17.81 1.33 -3.62
C LYS A 181 -16.86 0.40 -2.86
N SER A 182 -15.57 0.35 -3.21
CA SER A 182 -14.64 -0.47 -2.45
C SER A 182 -14.43 0.05 -1.04
N HIS A 183 -14.68 1.33 -0.78
CA HIS A 183 -14.58 1.89 0.55
C HIS A 183 -15.94 1.98 1.25
N ALA A 184 -16.96 1.34 0.71
CA ALA A 184 -18.31 1.44 1.25
C ALA A 184 -18.73 0.10 1.84
N SER A 185 -19.60 0.18 2.85
CA SER A 185 -20.35 -1.00 3.28
C SER A 185 -21.75 -1.01 2.70
N ASN A 186 -22.36 0.15 2.56
CA ASN A 186 -23.70 0.31 2.01
C ASN A 186 -23.53 0.93 0.62
N THR A 187 -23.35 0.08 -0.41
CA THR A 187 -23.06 0.57 -1.74
C THR A 187 -24.32 1.06 -2.46
N GLU A 188 -25.50 0.66 -1.99
CA GLU A 188 -26.75 0.95 -2.70
C GLU A 188 -26.99 2.45 -2.82
N VAL A 189 -26.54 3.22 -1.83
CA VAL A 189 -26.78 4.66 -1.86
C VAL A 189 -26.03 5.37 -2.98
N PHE A 190 -25.06 4.73 -3.61
CA PHE A 190 -24.32 5.38 -4.71
C PHE A 190 -24.96 4.98 -6.02
N SER A 191 -26.02 5.71 -6.36
CA SER A 191 -26.77 5.48 -7.59
C SER A 191 -25.92 5.82 -8.80
N GLU A 192 -26.38 5.36 -9.96
CA GLU A 192 -25.70 5.72 -11.19
C GLU A 192 -25.66 7.25 -11.37
N ARG A 193 -26.76 7.92 -11.06
CA ARG A 193 -26.80 9.38 -11.22
C ARG A 193 -25.82 10.07 -10.27
N LEU A 194 -25.78 9.64 -9.02
CA LEU A 194 -24.88 10.28 -8.06
C LEU A 194 -23.42 10.10 -8.47
N LEU A 195 -23.06 8.88 -8.86
CA LEU A 195 -21.69 8.64 -9.32
C LEU A 195 -21.38 9.46 -10.57
N ASP A 196 -22.35 9.60 -11.48
CA ASP A 196 -22.13 10.46 -12.65
C ASP A 196 -21.76 11.87 -12.25
N LEU A 197 -22.49 12.44 -11.28
CA LEU A 197 -22.24 13.83 -10.87
C LEU A 197 -20.86 13.97 -10.26
N TYR A 198 -20.48 13.04 -9.38
CA TYR A 198 -19.16 13.11 -8.76
C TYR A 198 -18.06 12.88 -9.79
N ALA A 199 -18.28 11.96 -10.73
CA ALA A 199 -17.25 11.69 -11.72
C ALA A 199 -17.05 12.89 -12.64
N ARG A 200 -18.15 13.55 -13.06
CA ARG A 200 -17.99 14.72 -13.91
C ARG A 200 -17.22 15.81 -13.21
N SER A 201 -17.43 15.94 -11.89
CA SER A 201 -16.76 17.01 -11.18
C SER A 201 -15.27 16.77 -11.08
N TYR A 202 -14.86 15.58 -10.61
CA TYR A 202 -13.42 15.39 -10.43
C TYR A 202 -12.70 15.08 -11.74
N ALA A 203 -13.44 14.86 -12.84
CA ALA A 203 -12.79 14.62 -14.13
C ALA A 203 -12.31 15.88 -14.80
N LYS A 204 -12.74 17.07 -14.36
CA LYS A 204 -12.11 18.29 -14.84
C LYS A 204 -10.60 18.15 -14.66
N PRO A 205 -9.80 18.44 -15.69
CA PRO A 205 -8.35 18.19 -15.57
C PRO A 205 -7.72 18.81 -14.33
N HIS A 206 -8.09 20.05 -13.99
CA HIS A 206 -7.48 20.66 -12.81
C HIS A 206 -7.98 20.01 -11.52
N SER A 207 -9.20 19.45 -11.54
CA SER A 207 -9.72 18.78 -10.35
C SER A 207 -9.14 17.38 -10.19
N LEU A 208 -8.92 16.68 -11.31
CA LEU A 208 -8.24 15.39 -11.24
C LEU A 208 -6.83 15.58 -10.67
N ASN A 209 -6.11 16.57 -11.17
CA ASN A 209 -4.78 16.82 -10.65
C ASN A 209 -4.84 17.28 -9.20
N ALA A 210 -5.74 18.22 -8.88
CA ALA A 210 -5.85 18.72 -7.51
C ALA A 210 -6.12 17.58 -6.54
N SER A 211 -6.99 16.66 -6.91
CA SER A 211 -7.28 15.50 -6.06
C SER A 211 -6.00 14.81 -5.61
N PHE A 212 -5.10 14.56 -6.55
CA PHE A 212 -3.89 13.82 -6.23
C PHE A 212 -2.82 14.70 -5.61
N GLU A 213 -2.85 16.01 -5.86
CA GLU A 213 -1.86 16.88 -5.23
C GLU A 213 -2.02 16.90 -3.72
N TYR A 214 -3.24 16.66 -3.22
CA TYR A 214 -3.39 16.55 -1.76
C TYR A 214 -2.55 15.40 -1.22
N TYR A 215 -2.50 14.28 -1.95
CA TYR A 215 -1.70 13.14 -1.53
C TYR A 215 -0.23 13.36 -1.78
N ARG A 216 0.12 14.10 -2.82
CA ARG A 216 1.51 14.42 -3.06
C ARG A 216 2.07 15.36 -2.01
N ALA A 217 1.21 16.05 -1.26
CA ALA A 217 1.64 16.93 -0.17
C ALA A 217 1.49 16.27 1.18
N LEU A 218 1.08 15.00 1.23
CA LEU A 218 0.74 14.33 2.49
C LEU A 218 1.94 14.24 3.42
N ASN A 219 3.11 13.89 2.89
CA ASN A 219 4.28 13.81 3.77
C ASN A 219 4.67 15.19 4.29
N GLU A 220 4.53 16.23 3.47
CA GLU A 220 4.71 17.58 3.98
C GLU A 220 3.74 17.88 5.12
N SER A 221 2.49 17.44 4.98
CA SER A 221 1.51 17.66 6.03
C SER A 221 1.88 16.91 7.30
N VAL A 222 2.39 15.68 7.16
CA VAL A 222 2.83 14.92 8.32
C VAL A 222 3.91 15.67 9.07
N ARG A 223 4.91 16.18 8.33
CA ARG A 223 5.98 16.93 8.97
C ARG A 223 5.47 18.21 9.61
N GLN A 224 4.55 18.91 8.94
CA GLN A 224 3.95 20.08 9.56
C GLN A 224 3.24 19.73 10.86
N ASN A 225 2.48 18.64 10.86
CA ASN A 225 1.70 18.31 12.04
C ASN A 225 2.57 17.78 13.16
N ALA A 226 3.77 17.27 12.87
CA ALA A 226 4.67 16.88 13.94
C ALA A 226 5.00 18.07 14.84
N GLU A 227 5.11 19.25 14.24
CA GLU A 227 5.35 20.47 15.00
C GLU A 227 4.06 20.96 15.67
N LEU A 228 2.98 21.03 14.90
CA LEU A 228 1.74 21.61 15.41
C LEU A 228 1.16 20.80 16.57
N ALA A 229 1.34 19.48 16.56
CA ALA A 229 0.66 18.65 17.56
C ALA A 229 1.29 18.77 18.95
N LYS A 230 2.38 19.53 19.09
CA LYS A 230 2.91 19.83 20.42
C LYS A 230 1.89 20.57 21.28
N THR A 231 0.87 21.18 20.66
CA THR A 231 -0.24 21.81 21.37
C THR A 231 -1.49 20.93 21.22
N ARG A 232 -1.98 20.44 22.35
CA ARG A 232 -3.17 19.60 22.38
C ARG A 232 -4.42 20.43 22.11
N LEU A 233 -5.39 19.82 21.43
CA LEU A 233 -6.68 20.47 21.21
C LEU A 233 -7.52 20.47 22.49
N GLN A 234 -8.12 21.61 22.81
CA GLN A 234 -8.82 21.77 24.07
C GLN A 234 -10.34 21.87 23.94
N MET A 235 -10.88 22.05 22.74
CA MET A 235 -12.31 22.22 22.59
C MET A 235 -13.03 20.87 22.58
N PRO A 236 -14.33 20.84 22.88
CA PRO A 236 -15.09 19.59 22.77
C PRO A 236 -15.02 19.05 21.34
N THR A 237 -14.66 17.77 21.21
CA THR A 237 -14.52 17.13 19.91
C THR A 237 -15.29 15.81 19.89
N MET A 238 -15.80 15.45 18.71
CA MET A 238 -16.43 14.16 18.48
C MET A 238 -15.81 13.55 17.24
N THR A 239 -15.45 12.28 17.32
CA THR A 239 -15.03 11.51 16.16
C THR A 239 -16.13 10.55 15.76
N LEU A 240 -16.33 10.39 14.45
CA LEU A 240 -17.19 9.37 13.90
C LEU A 240 -16.37 8.51 12.94
N ALA A 241 -16.66 7.22 12.91
CA ALA A 241 -16.01 6.33 11.98
C ALA A 241 -16.98 5.22 11.61
N GLY A 242 -16.82 4.66 10.41
CA GLY A 242 -17.58 3.49 10.04
C GLY A 242 -16.99 2.23 10.65
N GLY A 243 -17.88 1.36 11.13
CA GLY A 243 -17.49 0.07 11.65
C GLY A 243 -17.54 -1.05 10.67
N GLY A 244 -18.00 -0.79 9.44
CA GLY A 244 -18.06 -1.79 8.40
C GLY A 244 -16.84 -1.74 7.49
N HIS A 245 -16.86 -2.65 6.52
CA HIS A 245 -15.87 -2.65 5.45
C HIS A 245 -15.71 -1.25 4.89
N GLY A 246 -14.47 -0.76 4.86
CA GLY A 246 -14.16 0.50 4.22
C GLY A 246 -13.90 1.63 5.18
N GLY A 247 -14.29 1.47 6.45
CA GLY A 247 -14.16 2.53 7.43
C GLY A 247 -12.84 2.49 8.18
N MET A 248 -12.70 3.44 9.10
CA MET A 248 -11.54 3.53 9.98
C MET A 248 -11.71 2.73 11.26
N GLY A 249 -12.94 2.39 11.62
CA GLY A 249 -13.16 1.63 12.84
C GLY A 249 -12.61 2.34 14.05
N THR A 250 -12.01 1.57 14.96
CA THR A 250 -11.56 2.15 16.22
C THR A 250 -10.35 3.06 16.08
N PHE A 251 -9.70 3.10 14.91
CA PHE A 251 -8.51 3.94 14.75
C PHE A 251 -8.84 5.41 14.99
N GLN A 252 -10.01 5.87 14.53
CA GLN A 252 -10.31 7.30 14.51
C GLN A 252 -10.28 7.89 15.92
N LEU A 253 -11.02 7.27 16.84
CA LEU A 253 -11.03 7.76 18.22
C LEU A 253 -9.67 7.55 18.88
N GLU A 254 -9.03 6.41 18.62
CA GLU A 254 -7.75 6.12 19.25
C GLU A 254 -6.72 7.19 18.88
N GLN A 255 -6.64 7.54 17.60
CA GLN A 255 -5.71 8.59 17.21
C GLN A 255 -6.10 9.92 17.82
N MET A 256 -7.41 10.24 17.82
CA MET A 256 -7.82 11.57 18.28
C MET A 256 -7.53 11.76 19.76
N LYS A 257 -7.52 10.69 20.55
CA LYS A 257 -7.18 10.83 21.97
C LYS A 257 -5.76 11.33 22.16
N ALA A 258 -4.87 11.08 21.18
CA ALA A 258 -3.53 11.65 21.27
C ALA A 258 -3.49 13.13 20.95
N TYR A 259 -4.54 13.68 20.33
CA TYR A 259 -4.60 15.07 19.92
C TYR A 259 -5.53 15.93 20.77
N ALA A 260 -6.57 15.34 21.35
CA ALA A 260 -7.66 16.11 21.93
C ALA A 260 -7.88 15.71 23.36
N GLU A 261 -8.01 16.72 24.24
CA GLU A 261 -8.24 16.46 25.66
C GLU A 261 -9.68 16.04 25.94
N ASP A 262 -10.63 16.50 25.15
CA ASP A 262 -12.06 16.29 25.40
C ASP A 262 -12.66 15.72 24.12
N VAL A 263 -12.72 14.40 24.03
CA VAL A 263 -13.18 13.74 22.81
C VAL A 263 -14.13 12.60 23.17
N GLU A 264 -15.24 12.53 22.44
CA GLU A 264 -16.11 11.37 22.44
C GLU A 264 -16.09 10.76 21.05
N GLY A 265 -16.16 9.44 20.98
CA GLY A 265 -16.09 8.75 19.72
C GLY A 265 -17.28 7.84 19.53
N HIS A 266 -17.65 7.66 18.26
CA HIS A 266 -18.66 6.68 17.89
C HIS A 266 -18.21 5.93 16.66
N VAL A 267 -18.47 4.63 16.64
CA VAL A 267 -18.22 3.78 15.48
C VAL A 267 -19.58 3.31 14.99
N LEU A 268 -19.94 3.69 13.77
CA LEU A 268 -21.29 3.45 13.25
C LEU A 268 -21.35 2.09 12.59
N PRO A 269 -22.20 1.17 13.05
CA PRO A 269 -22.25 -0.16 12.43
C PRO A 269 -22.89 -0.10 11.05
N GLY A 270 -22.42 -0.97 10.15
CA GLY A 270 -23.02 -1.06 8.84
C GLY A 270 -22.64 0.04 7.88
N CYS A 271 -21.61 0.83 8.22
CA CYS A 271 -21.17 1.98 7.48
C CYS A 271 -19.69 1.86 7.18
N GLY A 272 -19.30 2.18 5.95
CA GLY A 272 -17.89 2.22 5.61
C GLY A 272 -17.34 3.62 5.72
N HIS A 273 -16.67 4.07 4.66
CA HIS A 273 -15.97 5.35 4.68
C HIS A 273 -16.90 6.55 4.49
N TRP A 274 -18.02 6.37 3.80
CA TRP A 274 -18.80 7.51 3.33
C TRP A 274 -20.00 7.75 4.24
N LEU A 275 -19.71 8.21 5.46
CA LEU A 275 -20.77 8.26 6.48
C LEU A 275 -21.96 9.11 6.09
N PRO A 276 -21.81 10.33 5.55
CA PRO A 276 -23.01 11.13 5.27
C PRO A 276 -23.94 10.47 4.28
N GLU A 277 -23.42 9.65 3.37
CA GLU A 277 -24.27 8.99 2.39
C GLU A 277 -24.71 7.59 2.80
N GLU A 278 -23.80 6.83 3.40
CA GLU A 278 -24.12 5.45 3.77
C GLU A 278 -25.00 5.38 5.00
N CYS A 279 -24.85 6.32 5.92
CA CYS A 279 -25.52 6.25 7.22
C CYS A 279 -26.02 7.64 7.60
N ALA A 280 -26.75 8.26 6.67
CA ALA A 280 -27.23 9.64 6.85
C ALA A 280 -27.99 9.80 8.16
N ALA A 281 -28.99 8.95 8.42
CA ALA A 281 -29.83 9.16 9.59
C ALA A 281 -29.03 9.13 10.89
N PRO A 282 -28.27 8.07 11.22
CA PRO A 282 -27.54 8.12 12.49
C PRO A 282 -26.45 9.17 12.52
N MET A 283 -25.73 9.38 11.39
CA MET A 283 -24.67 10.38 11.40
C MET A 283 -25.24 11.79 11.64
N ASN A 284 -26.31 12.13 10.94
CA ASN A 284 -26.93 13.45 11.11
C ASN A 284 -27.37 13.67 12.55
N ARG A 285 -28.04 12.67 13.12
CA ARG A 285 -28.48 12.73 14.50
C ARG A 285 -27.32 12.99 15.46
N LEU A 286 -26.24 12.22 15.30
CA LEU A 286 -25.08 12.39 16.19
C LEU A 286 -24.45 13.77 16.03
N VAL A 287 -24.36 14.26 14.80
CA VAL A 287 -23.73 15.57 14.59
C VAL A 287 -24.60 16.67 15.17
N ILE A 288 -25.90 16.63 14.86
CA ILE A 288 -26.80 17.67 15.34
C ILE A 288 -26.83 17.67 16.86
N ASP A 289 -26.96 16.49 17.48
CA ASP A 289 -27.00 16.43 18.94
C ASP A 289 -25.72 16.95 19.56
N PHE A 290 -24.57 16.57 19.01
CA PHE A 290 -23.30 17.02 19.59
C PHE A 290 -23.14 18.53 19.47
N LEU A 291 -23.50 19.10 18.32
CA LEU A 291 -23.36 20.54 18.14
C LEU A 291 -24.40 21.34 18.91
N SER A 292 -25.57 20.75 19.16
CA SER A 292 -26.64 21.47 19.84
C SER A 292 -26.49 21.48 21.35
N ARG A 293 -25.59 20.69 21.92
CA ARG A 293 -25.40 20.67 23.37
C ARG A 293 -25.11 22.05 23.93
N LEU B 6 -28.45 -15.90 3.90
CA LEU B 6 -27.48 -16.76 4.59
C LEU B 6 -27.44 -18.17 4.02
N VAL B 7 -26.35 -18.50 3.33
CA VAL B 7 -26.17 -19.81 2.71
C VAL B 7 -24.95 -20.46 3.36
N GLU B 8 -25.17 -21.59 4.03
CA GLU B 8 -24.11 -22.36 4.67
C GLU B 8 -23.94 -23.68 3.95
N SER B 9 -22.69 -24.02 3.62
CA SER B 9 -22.46 -25.27 2.89
C SER B 9 -21.01 -25.71 3.09
N GLY B 10 -20.70 -26.87 2.51
CA GLY B 10 -19.36 -27.45 2.56
C GLY B 10 -19.20 -28.62 3.51
N GLY B 11 -20.15 -28.85 4.41
CA GLY B 11 -20.03 -29.96 5.34
C GLY B 11 -20.11 -31.30 4.64
N GLY B 12 -19.77 -32.35 5.39
CA GLY B 12 -19.85 -33.69 4.86
C GLY B 12 -19.15 -34.67 5.78
N LEU B 13 -19.08 -35.92 5.32
CA LEU B 13 -18.39 -36.98 6.02
C LEU B 13 -16.96 -37.06 5.52
N VAL B 14 -16.01 -37.13 6.43
CA VAL B 14 -14.61 -37.16 6.08
C VAL B 14 -13.82 -38.00 7.08
N PRO B 15 -12.78 -38.69 6.64
CA PRO B 15 -11.97 -39.45 7.59
C PRO B 15 -11.11 -38.54 8.46
N ALA B 16 -10.84 -39.00 9.67
CA ALA B 16 -9.91 -38.29 10.54
C ALA B 16 -8.60 -38.07 9.81
N GLY B 17 -8.02 -36.89 10.02
CA GLY B 17 -6.82 -36.49 9.31
C GLY B 17 -7.10 -35.79 7.99
N GLY B 18 -8.33 -35.84 7.51
CA GLY B 18 -8.69 -35.20 6.26
C GLY B 18 -9.06 -33.74 6.44
N SER B 19 -9.55 -33.15 5.35
CA SER B 19 -9.76 -31.72 5.23
C SER B 19 -11.14 -31.44 4.67
N LEU B 20 -11.64 -30.26 5.01
CA LEU B 20 -12.92 -29.76 4.53
C LEU B 20 -12.85 -28.25 4.51
N ARG B 21 -13.63 -27.63 3.63
N ARG B 21 -13.62 -27.63 3.62
CA ARG B 21 -13.75 -26.17 3.59
CA ARG B 21 -13.76 -26.18 3.59
C ARG B 21 -15.22 -25.80 3.60
C ARG B 21 -15.23 -25.83 3.61
N LEU B 22 -15.65 -25.13 4.66
CA LEU B 22 -17.01 -24.64 4.78
C LEU B 22 -17.11 -23.23 4.19
N SER B 23 -18.28 -22.89 3.74
CA SER B 23 -18.50 -21.55 3.21
C SER B 23 -19.81 -21.00 3.75
N CYS B 24 -19.84 -19.68 3.84
CA CYS B 24 -21.00 -18.95 4.33
C CYS B 24 -21.13 -17.70 3.48
N THR B 25 -22.25 -17.58 2.76
CA THR B 25 -22.48 -16.48 1.86
C THR B 25 -23.70 -15.69 2.33
N THR B 26 -23.60 -14.36 2.28
CA THR B 26 -24.72 -13.50 2.62
C THR B 26 -24.83 -12.42 1.55
N SER B 27 -25.79 -11.52 1.75
CA SER B 27 -25.89 -10.35 0.89
C SER B 27 -24.68 -9.44 1.11
N GLU B 28 -24.41 -8.59 0.11
CA GLU B 28 -23.25 -7.72 0.21
C GLU B 28 -23.30 -6.85 1.46
N ARG B 29 -24.42 -6.17 1.70
CA ARG B 29 -24.46 -5.25 2.84
C ARG B 29 -24.26 -5.99 4.15
N ALA B 30 -24.90 -7.15 4.31
CA ALA B 30 -24.72 -7.91 5.54
C ALA B 30 -23.28 -8.37 5.72
N PHE B 31 -22.65 -8.81 4.63
CA PHE B 31 -21.28 -9.29 4.70
C PHE B 31 -20.32 -8.17 5.08
N ARG B 32 -20.49 -7.02 4.43
CA ARG B 32 -19.60 -5.90 4.68
C ARG B 32 -19.87 -5.21 6.01
N SER B 33 -21.05 -5.41 6.60
CA SER B 33 -21.39 -4.74 7.83
C SER B 33 -21.03 -5.54 9.08
N ASN B 34 -20.51 -6.73 8.94
CA ASN B 34 -20.30 -7.58 10.08
C ASN B 34 -18.99 -8.33 10.09
N ALA B 35 -18.40 -8.42 11.26
CA ALA B 35 -17.41 -9.42 11.48
C ALA B 35 -18.11 -10.75 11.29
N MET B 36 -17.45 -11.69 10.64
CA MET B 36 -18.08 -12.97 10.35
C MET B 36 -17.38 -14.06 11.12
N GLY B 37 -18.17 -15.00 11.60
CA GLY B 37 -17.64 -16.01 12.50
C GLY B 37 -18.28 -17.35 12.26
N TRP B 38 -17.56 -18.39 12.64
CA TRP B 38 -18.06 -19.75 12.62
C TRP B 38 -18.19 -20.26 14.05
N PHE B 39 -19.24 -21.04 14.28
CA PHE B 39 -19.54 -21.66 15.55
C PHE B 39 -19.84 -23.14 15.29
N ARG B 40 -19.88 -23.93 16.35
CA ARG B 40 -20.25 -25.34 16.17
C ARG B 40 -20.89 -25.85 17.45
N GLN B 41 -21.73 -26.89 17.29
CA GLN B 41 -22.38 -27.53 18.43
C GLN B 41 -22.35 -29.03 18.24
N ALA B 42 -21.67 -29.73 19.16
CA ALA B 42 -21.60 -31.18 19.18
C ALA B 42 -22.86 -31.77 19.83
N PRO B 43 -23.19 -33.04 19.53
CA PRO B 43 -24.52 -33.57 19.89
C PRO B 43 -25.04 -33.23 21.29
N GLY B 44 -24.21 -33.32 22.32
CA GLY B 44 -24.69 -33.05 23.66
C GLY B 44 -23.90 -31.98 24.39
N LYS B 45 -23.41 -30.99 23.64
CA LYS B 45 -22.56 -29.94 24.18
C LYS B 45 -23.17 -28.58 23.85
N GLU B 46 -22.65 -27.54 24.51
CA GLU B 46 -23.06 -26.19 24.19
C GLU B 46 -22.49 -25.75 22.86
N ARG B 47 -23.18 -24.80 22.25
CA ARG B 47 -22.62 -24.18 21.06
C ARG B 47 -21.31 -23.49 21.42
N GLU B 48 -20.36 -23.52 20.48
CA GLU B 48 -18.97 -23.19 20.73
C GLU B 48 -18.48 -22.23 19.66
N PHE B 49 -17.77 -21.17 20.05
CA PHE B 49 -17.10 -20.29 19.08
C PHE B 49 -15.93 -21.03 18.44
N VAL B 50 -15.76 -20.87 17.12
CA VAL B 50 -14.71 -21.53 16.37
C VAL B 50 -13.69 -20.54 15.82
N ALA B 51 -14.15 -19.53 15.08
CA ALA B 51 -13.22 -18.61 14.43
C ALA B 51 -13.98 -17.39 13.96
N ALA B 52 -13.25 -16.29 13.78
CA ALA B 52 -13.88 -15.07 13.29
C ALA B 52 -12.87 -14.25 12.50
N VAL B 53 -13.38 -13.47 11.55
CA VAL B 53 -12.55 -12.54 10.80
C VAL B 53 -13.27 -11.20 10.71
N SER B 54 -12.55 -10.12 10.97
CA SER B 54 -13.15 -8.80 10.99
C SER B 54 -13.42 -8.31 9.57
N VAL B 55 -14.14 -7.19 9.49
CA VAL B 55 -14.20 -6.42 8.25
C VAL B 55 -12.83 -5.78 8.04
N LEU B 56 -12.61 -5.29 6.84
CA LEU B 56 -11.39 -4.61 6.49
C LEU B 56 -11.52 -3.12 6.85
N SER B 57 -10.61 -2.61 7.68
CA SER B 57 -10.50 -1.19 7.94
C SER B 57 -9.20 -0.69 7.32
N TRP B 58 -9.00 0.64 7.39
CA TRP B 58 -7.78 1.19 6.80
C TRP B 58 -6.54 0.63 7.48
N SER B 59 -6.67 0.24 8.75
CA SER B 59 -5.58 -0.37 9.51
C SER B 59 -5.31 -1.82 9.14
N GLY B 60 -6.20 -2.45 8.38
CA GLY B 60 -6.09 -3.86 8.07
C GLY B 60 -7.28 -4.63 8.66
N ASP B 61 -7.04 -5.89 8.99
CA ASP B 61 -8.10 -6.70 9.57
C ASP B 61 -7.50 -7.55 10.70
N SER B 62 -8.34 -8.35 11.32
CA SER B 62 -7.88 -9.27 12.33
C SER B 62 -8.72 -10.52 12.26
N ALA B 63 -8.13 -11.64 12.66
CA ALA B 63 -8.83 -12.90 12.73
C ALA B 63 -8.35 -13.66 13.96
N VAL B 64 -9.25 -14.44 14.55
CA VAL B 64 -8.95 -15.24 15.72
C VAL B 64 -9.54 -16.63 15.54
N VAL B 65 -8.92 -17.59 16.19
CA VAL B 65 -9.41 -18.97 16.23
C VAL B 65 -9.43 -19.43 17.68
N ALA B 66 -10.44 -20.23 18.00
CA ALA B 66 -10.53 -20.85 19.32
C ALA B 66 -9.34 -21.78 19.55
N ASP B 67 -8.96 -21.91 20.83
CA ASP B 67 -7.85 -22.77 21.20
C ASP B 67 -8.03 -24.20 20.68
N SER B 68 -9.28 -24.67 20.60
CA SER B 68 -9.54 -26.06 20.23
C SER B 68 -9.25 -26.36 18.76
N VAL B 69 -9.11 -25.34 17.92
CA VAL B 69 -8.86 -25.53 16.49
C VAL B 69 -7.62 -24.79 16.03
N ALA B 70 -6.92 -24.10 16.93
CA ALA B 70 -5.75 -23.31 16.56
C ALA B 70 -4.70 -24.17 15.89
N GLY B 71 -4.19 -23.69 14.75
CA GLY B 71 -3.21 -24.42 13.98
C GLY B 71 -3.79 -25.42 13.01
N ARG B 72 -5.08 -25.70 13.10
CA ARG B 72 -5.75 -26.63 12.20
C ARG B 72 -6.79 -25.96 11.33
N PHE B 73 -7.58 -25.03 11.86
CA PHE B 73 -8.61 -24.33 11.10
C PHE B 73 -8.15 -22.91 10.84
N THR B 74 -8.46 -22.41 9.65
CA THR B 74 -8.23 -21.01 9.28
C THR B 74 -9.51 -20.44 8.71
N ILE B 75 -9.66 -19.12 8.80
CA ILE B 75 -10.85 -18.44 8.32
C ILE B 75 -10.40 -17.30 7.40
N PHE B 76 -11.11 -17.10 6.29
CA PHE B 76 -10.77 -16.00 5.40
C PHE B 76 -11.98 -15.57 4.59
N ARG B 77 -11.97 -14.30 4.17
CA ARG B 77 -13.02 -13.70 3.37
C ARG B 77 -12.66 -13.72 1.89
N ASP B 78 -13.69 -13.89 1.06
CA ASP B 78 -13.63 -13.54 -0.36
C ASP B 78 -14.64 -12.40 -0.55
N ASN B 79 -14.15 -11.16 -0.55
CA ASN B 79 -15.05 -10.02 -0.62
C ASN B 79 -15.73 -9.90 -1.96
N ALA B 80 -15.18 -10.48 -3.02
CA ALA B 80 -15.86 -10.42 -4.30
C ALA B 80 -17.08 -11.32 -4.32
N LYS B 81 -17.07 -12.39 -3.53
CA LYS B 81 -18.17 -13.33 -3.48
C LYS B 81 -19.03 -13.18 -2.24
N ASN B 82 -18.74 -12.21 -1.36
CA ASN B 82 -19.44 -12.07 -0.09
C ASN B 82 -19.53 -13.39 0.65
N THR B 83 -18.41 -14.11 0.67
CA THR B 83 -18.35 -15.44 1.28
C THR B 83 -17.20 -15.48 2.27
N VAL B 84 -17.45 -16.04 3.44
CA VAL B 84 -16.39 -16.35 4.40
C VAL B 84 -16.19 -17.87 4.38
N TYR B 85 -14.94 -18.31 4.46
CA TYR B 85 -14.59 -19.71 4.37
C TYR B 85 -13.95 -20.17 5.66
N LEU B 86 -14.23 -21.41 6.05
CA LEU B 86 -13.54 -22.07 7.15
C LEU B 86 -12.77 -23.25 6.55
N GLN B 87 -11.45 -23.12 6.47
CA GLN B 87 -10.59 -24.19 5.99
C GLN B 87 -10.25 -25.09 7.17
N MET B 88 -10.64 -26.35 7.11
CA MET B 88 -10.49 -27.28 8.22
C MET B 88 -9.50 -28.36 7.83
N ASN B 89 -8.31 -28.31 8.43
CA ASN B 89 -7.29 -29.32 8.20
C ASN B 89 -7.16 -30.19 9.44
N SER B 90 -6.55 -31.38 9.25
CA SER B 90 -6.23 -32.28 10.35
C SER B 90 -7.46 -32.56 11.22
N LEU B 91 -8.56 -32.89 10.54
CA LEU B 91 -9.83 -33.09 11.22
C LEU B 91 -9.76 -34.29 12.16
N LYS B 92 -10.46 -34.18 13.28
CA LYS B 92 -10.51 -35.16 14.35
C LYS B 92 -11.96 -35.52 14.63
N PRO B 93 -12.23 -36.73 15.12
CA PRO B 93 -13.62 -37.08 15.44
C PRO B 93 -14.29 -36.07 16.36
N GLU B 94 -13.55 -35.47 17.30
CA GLU B 94 -14.17 -34.48 18.16
C GLU B 94 -14.54 -33.19 17.43
N ASP B 95 -14.16 -33.02 16.17
CA ASP B 95 -14.65 -31.89 15.38
C ASP B 95 -16.04 -32.14 14.82
N THR B 96 -16.56 -33.35 14.96
CA THR B 96 -17.91 -33.65 14.51
C THR B 96 -18.89 -32.73 15.21
N ALA B 97 -19.71 -32.04 14.42
CA ALA B 97 -20.65 -31.06 14.95
C ALA B 97 -21.42 -30.49 13.78
N VAL B 98 -22.47 -29.75 14.09
CA VAL B 98 -23.09 -28.85 13.12
C VAL B 98 -22.37 -27.51 13.24
N TYR B 99 -21.92 -26.99 12.09
CA TYR B 99 -21.19 -25.73 12.05
C TYR B 99 -22.11 -24.62 11.57
N TYR B 100 -22.12 -23.51 12.30
CA TYR B 100 -23.02 -22.40 12.05
C TYR B 100 -22.21 -21.13 11.82
N CYS B 101 -22.67 -20.33 10.86
CA CYS B 101 -22.09 -19.04 10.56
C CYS B 101 -22.95 -17.93 11.15
N ASN B 102 -22.30 -16.88 11.65
CA ASN B 102 -23.05 -15.72 12.09
C ASN B 102 -22.18 -14.48 11.96
N GLY B 103 -22.79 -13.33 12.23
CA GLY B 103 -22.09 -12.07 12.13
C GLY B 103 -22.41 -11.17 13.30
N ALA B 104 -21.54 -10.20 13.53
CA ALA B 104 -21.74 -9.23 14.60
C ALA B 104 -21.00 -7.95 14.24
N SER B 105 -21.39 -6.87 14.91
CA SER B 105 -20.88 -5.54 14.56
C SER B 105 -19.37 -5.41 14.73
N ASP B 106 -18.76 -6.27 15.53
CA ASP B 106 -17.31 -6.33 15.59
C ASP B 106 -16.90 -7.73 16.01
N ILE B 107 -15.60 -8.00 15.93
CA ILE B 107 -15.12 -9.35 16.14
C ILE B 107 -15.32 -9.79 17.59
N GLY B 108 -15.27 -8.85 18.54
CA GLY B 108 -15.47 -9.22 19.93
C GLY B 108 -16.93 -9.52 20.24
N ALA B 109 -17.85 -8.79 19.61
CA ALA B 109 -19.27 -9.04 19.83
C ALA B 109 -19.66 -10.45 19.40
N LEU B 110 -18.98 -11.01 18.39
CA LEU B 110 -19.23 -12.38 17.99
C LEU B 110 -18.99 -13.36 19.13
N GLN B 111 -17.99 -13.09 19.97
CA GLN B 111 -17.62 -13.96 21.06
C GLN B 111 -18.33 -13.60 22.35
N SER B 112 -19.11 -12.51 22.35
CA SER B 112 -19.81 -12.02 23.53
C SER B 112 -21.27 -12.46 23.59
N GLY B 113 -21.85 -12.91 22.49
CA GLY B 113 -23.25 -13.28 22.42
C GLY B 113 -24.05 -12.45 21.45
N ALA B 114 -23.50 -11.33 20.99
CA ALA B 114 -24.19 -10.51 19.99
C ALA B 114 -24.19 -11.28 18.66
N SER B 115 -25.27 -11.13 17.88
CA SER B 115 -25.39 -11.82 16.62
C SER B 115 -26.35 -11.01 15.76
N SER B 116 -25.98 -10.77 14.51
CA SER B 116 -26.77 -9.95 13.63
C SER B 116 -27.84 -10.72 12.88
N TRP B 117 -27.85 -12.05 12.96
CA TRP B 117 -28.97 -12.81 12.43
C TRP B 117 -29.23 -14.03 13.28
N SER B 118 -30.48 -14.51 13.20
CA SER B 118 -30.82 -15.77 13.84
C SER B 118 -30.06 -16.90 13.17
N TRP B 119 -29.84 -17.97 13.92
CA TRP B 119 -29.01 -19.06 13.43
C TRP B 119 -29.68 -19.74 12.23
N GLY B 120 -28.87 -20.05 11.22
CA GLY B 120 -29.34 -20.79 10.08
C GLY B 120 -29.35 -22.28 10.35
N HIS B 121 -29.50 -23.05 9.27
CA HIS B 121 -29.52 -24.51 9.42
C HIS B 121 -28.16 -25.06 9.80
N GLY B 122 -27.09 -24.36 9.43
CA GLY B 122 -25.76 -24.87 9.64
C GLY B 122 -25.37 -25.86 8.55
N THR B 123 -24.22 -26.49 8.76
CA THR B 123 -23.74 -27.51 7.84
C THR B 123 -23.08 -28.60 8.67
N GLN B 124 -23.44 -29.85 8.39
CA GLN B 124 -23.02 -30.97 9.23
C GLN B 124 -21.63 -31.44 8.84
N VAL B 125 -20.76 -31.58 9.83
CA VAL B 125 -19.42 -32.13 9.63
C VAL B 125 -19.29 -33.39 10.47
N THR B 126 -19.05 -34.51 9.82
CA THR B 126 -18.84 -35.78 10.52
C THR B 126 -17.46 -36.31 10.16
N VAL B 127 -16.64 -36.53 11.19
CA VAL B 127 -15.29 -37.03 11.02
C VAL B 127 -15.25 -38.43 11.60
N SER B 128 -15.00 -39.42 10.76
CA SER B 128 -14.94 -40.80 11.19
C SER B 128 -13.51 -41.21 11.48
N SER B 129 -13.31 -41.90 12.59
CA SER B 129 -11.98 -42.33 12.96
C SER B 129 -11.50 -43.42 12.01
N GLU C 2 9.64 -13.86 -32.61
CA GLU C 2 10.32 -13.68 -31.33
C GLU C 2 10.11 -12.29 -30.74
N GLU C 3 9.64 -12.25 -29.51
CA GLU C 3 9.45 -10.96 -28.84
C GLU C 3 10.77 -10.34 -28.41
N PHE C 4 11.82 -11.14 -28.24
CA PHE C 4 13.12 -10.68 -27.76
C PHE C 4 14.23 -11.35 -28.55
N PRO C 5 15.36 -10.69 -28.72
CA PRO C 5 16.47 -11.30 -29.45
C PRO C 5 17.09 -12.43 -28.64
N VAL C 6 17.34 -13.55 -29.31
CA VAL C 6 17.90 -14.74 -28.66
C VAL C 6 19.42 -14.70 -28.71
N PRO C 7 20.12 -14.90 -27.60
CA PRO C 7 21.60 -14.83 -27.63
C PRO C 7 22.20 -15.96 -28.46
N ASN C 8 23.41 -15.69 -28.97
CA ASN C 8 24.15 -16.68 -29.74
C ASN C 8 24.34 -17.96 -28.95
N GLY C 9 24.16 -19.09 -29.62
CA GLY C 9 24.29 -20.37 -28.98
C GLY C 9 23.04 -20.88 -28.30
N PHE C 10 21.97 -20.10 -28.35
CA PHE C 10 20.71 -20.48 -27.74
C PHE C 10 19.61 -20.63 -28.76
N GLU C 11 18.58 -21.38 -28.43
CA GLU C 11 17.43 -21.60 -29.29
C GLU C 11 16.14 -21.30 -28.53
N SER C 12 15.18 -20.72 -29.24
CA SER C 12 13.83 -20.51 -28.72
C SER C 12 12.97 -21.70 -29.12
N ALA C 13 12.26 -22.28 -28.15
CA ALA C 13 11.47 -23.48 -28.41
C ALA C 13 10.26 -23.52 -27.49
N TYR C 14 9.43 -24.54 -27.67
CA TYR C 14 8.19 -24.69 -26.93
C TYR C 14 8.01 -26.15 -26.53
N ARG C 15 7.39 -26.35 -25.37
CA ARG C 15 6.98 -27.68 -24.93
C ARG C 15 5.62 -27.60 -24.25
N GLU C 16 4.75 -28.53 -24.59
CA GLU C 16 3.46 -28.63 -23.94
C GLU C 16 3.62 -29.39 -22.63
N VAL C 17 3.11 -28.81 -21.55
CA VAL C 17 3.14 -29.44 -20.24
C VAL C 17 1.74 -29.38 -19.67
N ASP C 18 1.13 -30.55 -19.43
CA ASP C 18 -0.24 -30.64 -18.95
C ASP C 18 -1.18 -29.76 -19.78
N GLY C 19 -1.02 -29.80 -21.10
CA GLY C 19 -1.92 -29.08 -21.99
C GLY C 19 -1.61 -27.60 -22.17
N VAL C 20 -0.51 -27.12 -21.61
CA VAL C 20 -0.15 -25.70 -21.65
C VAL C 20 1.16 -25.58 -22.42
N LYS C 21 1.15 -24.80 -23.50
CA LYS C 21 2.36 -24.63 -24.29
C LYS C 21 3.26 -23.60 -23.62
N LEU C 22 4.44 -24.03 -23.18
CA LEU C 22 5.41 -23.14 -22.55
C LEU C 22 6.51 -22.79 -23.53
N HIS C 23 6.82 -21.50 -23.63
CA HIS C 23 7.99 -21.02 -24.35
C HIS C 23 9.21 -21.02 -23.44
N TYR C 24 10.36 -21.33 -24.02
CA TYR C 24 11.60 -21.20 -23.27
C TYR C 24 12.73 -20.93 -24.26
N VAL C 25 13.84 -20.50 -23.71
CA VAL C 25 15.08 -20.38 -24.45
C VAL C 25 16.09 -21.28 -23.74
N LYS C 26 16.86 -22.03 -24.54
CA LYS C 26 17.72 -23.06 -24.00
C LYS C 26 19.05 -23.05 -24.73
N GLY C 27 20.12 -23.31 -24.01
CA GLY C 27 21.43 -23.43 -24.60
C GLY C 27 22.35 -24.07 -23.60
N GLY C 28 23.53 -24.47 -24.10
CA GLY C 28 24.57 -24.98 -23.22
C GLY C 28 24.57 -26.49 -23.09
N GLN C 29 25.54 -26.97 -22.32
CA GLN C 29 25.66 -28.39 -22.04
C GLN C 29 26.07 -28.57 -20.58
N GLY C 30 25.72 -29.73 -20.02
CA GLY C 30 26.01 -30.01 -18.64
C GLY C 30 24.72 -30.16 -17.83
N PRO C 31 24.85 -30.19 -16.51
CA PRO C 31 23.66 -30.29 -15.66
C PRO C 31 22.76 -29.08 -15.87
N LEU C 32 21.47 -29.28 -15.61
CA LEU C 32 20.46 -28.30 -15.96
C LEU C 32 20.33 -27.23 -14.89
N VAL C 33 20.19 -25.99 -15.36
CA VAL C 33 19.81 -24.86 -14.52
C VAL C 33 18.60 -24.22 -15.16
N MET C 34 17.54 -24.05 -14.39
CA MET C 34 16.34 -23.34 -14.85
C MET C 34 16.30 -21.95 -14.23
N LEU C 35 16.13 -20.94 -15.08
CA LEU C 35 16.05 -19.53 -14.70
C LEU C 35 14.61 -19.06 -14.89
N VAL C 36 14.00 -18.54 -13.83
CA VAL C 36 12.58 -18.19 -13.85
C VAL C 36 12.44 -16.71 -13.55
N HIS C 37 11.94 -15.96 -14.52
CA HIS C 37 11.77 -14.52 -14.46
C HIS C 37 10.56 -14.13 -13.60
N GLY C 38 10.38 -12.82 -13.43
CA GLY C 38 9.24 -12.32 -12.68
C GLY C 38 8.40 -11.30 -13.42
N PHE C 39 7.62 -10.51 -12.67
CA PHE C 39 6.62 -9.65 -13.27
C PHE C 39 7.29 -8.50 -14.03
N GLY C 40 6.62 -8.07 -15.10
CA GLY C 40 7.14 -7.00 -15.94
C GLY C 40 8.18 -7.45 -16.91
N GLN C 41 8.62 -8.70 -16.84
CA GLN C 41 9.70 -9.19 -17.68
C GLN C 41 9.37 -10.53 -18.29
N THR C 42 10.35 -11.14 -18.93
CA THR C 42 10.20 -12.45 -19.57
C THR C 42 11.51 -13.18 -19.39
N TRP C 43 11.67 -14.29 -20.10
CA TRP C 43 12.94 -15.01 -20.10
C TRP C 43 14.10 -14.07 -20.39
N TYR C 44 13.84 -12.99 -21.14
CA TYR C 44 14.89 -12.12 -21.64
C TYR C 44 15.65 -11.43 -20.51
N GLU C 45 15.09 -11.32 -19.30
CA GLU C 45 15.86 -10.68 -18.25
C GLU C 45 17.11 -11.47 -17.91
N TRP C 46 17.18 -12.73 -18.32
CA TRP C 46 18.35 -13.56 -18.08
C TRP C 46 19.37 -13.51 -19.21
N HIS C 47 19.18 -12.65 -20.23
CA HIS C 47 20.02 -12.78 -21.42
C HIS C 47 21.47 -12.40 -21.17
N GLN C 48 21.77 -11.75 -20.07
CA GLN C 48 23.15 -11.41 -19.75
C GLN C 48 23.83 -12.42 -18.86
N LEU C 49 23.06 -13.19 -18.09
CA LEU C 49 23.63 -14.30 -17.33
C LEU C 49 23.82 -15.55 -18.20
N MET C 50 22.94 -15.76 -19.16
CA MET C 50 22.98 -16.99 -19.95
C MET C 50 24.31 -17.23 -20.69
N PRO C 51 24.97 -16.23 -21.28
CA PRO C 51 26.21 -16.55 -22.01
C PRO C 51 27.25 -17.30 -21.18
N GLU C 52 27.60 -16.77 -20.01
CA GLU C 52 28.61 -17.44 -19.20
C GLU C 52 28.06 -18.71 -18.57
N LEU C 53 26.82 -18.67 -18.07
CA LEU C 53 26.26 -19.83 -17.39
C LEU C 53 26.20 -21.04 -18.32
N ALA C 54 25.93 -20.82 -19.61
CA ALA C 54 25.83 -21.92 -20.57
C ALA C 54 27.18 -22.52 -20.94
N LYS C 55 28.29 -21.91 -20.53
CA LYS C 55 29.59 -22.54 -20.71
C LYS C 55 29.81 -23.69 -19.73
N ARG C 56 29.04 -23.75 -18.64
CA ARG C 56 29.18 -24.82 -17.65
C ARG C 56 27.93 -25.67 -17.46
N PHE C 57 26.76 -25.17 -17.84
CA PHE C 57 25.50 -25.86 -17.59
C PHE C 57 24.61 -25.84 -18.82
N THR C 58 23.63 -26.73 -18.81
CA THR C 58 22.53 -26.57 -19.77
C THR C 58 21.57 -25.60 -19.11
N VAL C 59 21.18 -24.54 -19.84
CA VAL C 59 20.39 -23.45 -19.26
C VAL C 59 19.04 -23.42 -19.95
N ILE C 60 17.97 -23.39 -19.16
CA ILE C 60 16.64 -23.22 -19.72
C ILE C 60 15.96 -22.05 -19.01
N ALA C 61 15.43 -21.12 -19.81
CA ALA C 61 14.73 -19.94 -19.27
C ALA C 61 13.33 -19.88 -19.84
N PRO C 62 12.34 -20.37 -19.11
CA PRO C 62 10.97 -20.33 -19.61
C PRO C 62 10.29 -18.99 -19.36
N ASP C 63 9.27 -18.73 -20.17
CA ASP C 63 8.32 -17.68 -19.87
C ASP C 63 7.26 -18.27 -18.93
N LEU C 64 6.95 -17.53 -17.86
CA LEU C 64 5.89 -17.95 -16.96
C LEU C 64 4.56 -18.05 -17.71
N PRO C 65 3.69 -18.98 -17.31
CA PRO C 65 2.40 -19.14 -18.01
C PRO C 65 1.65 -17.82 -18.17
N GLY C 66 1.22 -17.56 -19.41
CA GLY C 66 0.51 -16.35 -19.74
C GLY C 66 1.39 -15.17 -20.07
N LEU C 67 2.67 -15.22 -19.72
CA LEU C 67 3.60 -14.13 -19.94
C LEU C 67 4.56 -14.51 -21.06
N GLY C 68 5.20 -13.50 -21.64
CA GLY C 68 6.06 -13.75 -22.79
C GLY C 68 5.27 -14.49 -23.87
N GLN C 69 5.82 -15.60 -24.35
CA GLN C 69 5.18 -16.42 -25.37
C GLN C 69 4.61 -17.71 -24.80
N SER C 70 4.42 -17.81 -23.49
CA SER C 70 3.82 -19.00 -22.89
C SER C 70 2.31 -18.85 -22.73
N GLU C 71 1.60 -19.96 -22.95
CA GLU C 71 0.17 -19.97 -22.73
C GLU C 71 -0.15 -19.84 -21.25
N PRO C 72 -1.30 -19.26 -20.92
CA PRO C 72 -1.74 -19.19 -19.52
C PRO C 72 -1.98 -20.57 -18.94
N PRO C 73 -1.96 -20.68 -17.61
CA PRO C 73 -2.20 -21.98 -16.99
C PRO C 73 -3.66 -22.40 -17.16
N LYS C 74 -3.87 -23.72 -17.16
CA LYS C 74 -5.22 -24.24 -17.25
C LYS C 74 -5.81 -24.54 -15.88
N THR C 75 -4.97 -24.70 -14.87
CA THR C 75 -5.45 -24.94 -13.52
C THR C 75 -5.72 -23.62 -12.81
N GLY C 76 -4.67 -22.84 -12.57
CA GLY C 76 -4.81 -21.57 -11.89
C GLY C 76 -3.45 -20.93 -11.72
N TYR C 77 -3.47 -19.76 -11.08
CA TYR C 77 -2.26 -18.95 -10.97
C TYR C 77 -1.64 -18.98 -9.59
N SER C 78 -2.17 -19.80 -8.67
CA SER C 78 -1.55 -19.93 -7.36
C SER C 78 -0.18 -20.58 -7.51
N GLY C 79 0.70 -20.33 -6.53
CA GLY C 79 2.05 -20.86 -6.64
C GLY C 79 2.08 -22.37 -6.79
N GLU C 80 1.22 -23.07 -6.07
CA GLU C 80 1.25 -24.51 -6.14
C GLU C 80 0.79 -25.01 -7.50
N GLN C 81 -0.16 -24.31 -8.13
CA GLN C 81 -0.62 -24.70 -9.46
C GLN C 81 0.43 -24.41 -10.52
N VAL C 82 1.05 -23.23 -10.48
CA VAL C 82 2.00 -22.89 -11.54
C VAL C 82 3.27 -23.72 -11.41
N ALA C 83 3.68 -24.04 -10.18
CA ALA C 83 4.92 -24.78 -9.99
C ALA C 83 4.88 -26.15 -10.68
N VAL C 84 3.70 -26.76 -10.79
CA VAL C 84 3.59 -28.04 -11.47
C VAL C 84 4.13 -27.95 -12.89
N TYR C 85 3.75 -26.88 -13.61
CA TYR C 85 4.20 -26.71 -14.99
C TYR C 85 5.71 -26.56 -15.08
N LEU C 86 6.27 -25.71 -14.22
CA LEU C 86 7.71 -25.48 -14.27
C LEU C 86 8.48 -26.74 -13.88
N HIS C 87 7.97 -27.48 -12.89
CA HIS C 87 8.64 -28.70 -12.46
C HIS C 87 8.65 -29.74 -13.58
N LYS C 88 7.50 -29.99 -14.20
CA LYS C 88 7.47 -30.97 -15.28
C LYS C 88 8.31 -30.54 -16.47
N LEU C 89 8.33 -29.24 -16.78
CA LEU C 89 9.19 -28.75 -17.85
C LEU C 89 10.65 -29.06 -17.56
N ALA C 90 11.13 -28.68 -16.37
CA ALA C 90 12.52 -28.96 -16.02
C ALA C 90 12.82 -30.46 -16.07
N ARG C 91 11.90 -31.28 -15.56
CA ARG C 91 12.16 -32.72 -15.52
C ARG C 91 12.14 -33.35 -16.90
N GLN C 92 11.48 -32.73 -17.88
CA GLN C 92 11.57 -33.22 -19.25
C GLN C 92 13.01 -33.19 -19.75
N PHE C 93 13.80 -32.22 -19.30
CA PHE C 93 15.17 -32.08 -19.73
C PHE C 93 16.19 -32.65 -18.76
N SER C 94 15.80 -32.90 -17.53
CA SER C 94 16.69 -33.49 -16.53
C SER C 94 15.90 -34.54 -15.76
N PRO C 95 15.51 -35.64 -16.43
CA PRO C 95 14.64 -36.62 -15.78
C PRO C 95 15.33 -37.51 -14.77
N ASP C 96 16.64 -37.71 -14.87
CA ASP C 96 17.35 -38.65 -14.01
C ASP C 96 18.32 -37.98 -13.05
N ARG C 97 18.42 -36.66 -13.06
CA ARG C 97 19.41 -35.96 -12.25
C ARG C 97 18.76 -34.72 -11.67
N PRO C 98 19.15 -34.32 -10.47
CA PRO C 98 18.65 -33.04 -9.93
C PRO C 98 19.10 -31.89 -10.81
N PHE C 99 18.34 -30.80 -10.75
CA PHE C 99 18.68 -29.61 -11.52
C PHE C 99 18.79 -28.40 -10.58
N ASP C 100 19.40 -27.33 -11.07
CA ASP C 100 19.48 -26.09 -10.29
C ASP C 100 18.36 -25.14 -10.67
N LEU C 101 18.00 -24.26 -9.74
CA LEU C 101 16.91 -23.32 -9.93
C LEU C 101 17.36 -21.93 -9.49
N VAL C 102 17.14 -20.95 -10.38
CA VAL C 102 17.34 -19.53 -10.08
C VAL C 102 16.02 -18.83 -10.38
N ALA C 103 15.51 -18.07 -9.42
CA ALA C 103 14.24 -17.38 -9.65
C ALA C 103 14.30 -15.96 -9.11
N HIS C 104 13.58 -15.07 -9.79
CA HIS C 104 13.53 -13.65 -9.52
C HIS C 104 12.07 -13.22 -9.39
N ASP C 105 11.77 -12.40 -8.38
CA ASP C 105 10.46 -11.75 -8.26
C ASP C 105 9.39 -12.83 -8.20
N ILE C 106 8.29 -12.75 -8.96
CA ILE C 106 7.24 -13.75 -8.80
C ILE C 106 7.66 -15.12 -9.33
N GLY C 107 8.83 -15.23 -9.95
CA GLY C 107 9.38 -16.54 -10.20
C GLY C 107 9.56 -17.34 -8.92
N ILE C 108 9.84 -16.68 -7.81
CA ILE C 108 9.90 -17.34 -6.52
C ILE C 108 8.54 -17.93 -6.14
N TRP C 109 7.48 -17.12 -6.27
CA TRP C 109 6.14 -17.58 -5.92
C TRP C 109 5.78 -18.83 -6.67
N ASN C 110 6.19 -18.89 -7.93
CA ASN C 110 5.80 -19.95 -8.84
C ASN C 110 6.75 -21.14 -8.83
N THR C 111 7.77 -21.11 -7.98
CA THR C 111 8.65 -22.26 -7.87
C THR C 111 8.75 -22.83 -6.47
N TYR C 112 8.52 -22.03 -5.43
CA TYR C 112 8.73 -22.53 -4.08
C TYR C 112 7.96 -23.83 -3.81
N PRO C 113 6.69 -23.98 -4.21
CA PRO C 113 6.03 -25.27 -3.96
C PRO C 113 6.69 -26.45 -4.65
N MET C 114 7.19 -26.29 -5.88
CA MET C 114 7.93 -27.37 -6.51
C MET C 114 9.16 -27.75 -5.69
N VAL C 115 9.87 -26.75 -5.15
CA VAL C 115 11.12 -27.05 -4.47
C VAL C 115 10.86 -27.82 -3.19
N VAL C 116 9.89 -27.37 -2.40
CA VAL C 116 9.67 -28.00 -1.11
C VAL C 116 9.05 -29.38 -1.27
N LYS C 117 8.29 -29.59 -2.35
CA LYS C 117 7.63 -30.88 -2.55
C LYS C 117 8.50 -31.90 -3.28
N ASN C 118 9.58 -31.47 -3.93
CA ASN C 118 10.45 -32.36 -4.70
C ASN C 118 11.91 -32.03 -4.40
N GLN C 119 12.27 -32.06 -3.11
CA GLN C 119 13.57 -31.54 -2.71
C GLN C 119 14.71 -32.32 -3.35
N ALA C 120 14.52 -33.61 -3.59
CA ALA C 120 15.58 -34.41 -4.21
C ALA C 120 15.80 -34.03 -5.67
N ASP C 121 14.85 -33.30 -6.28
CA ASP C 121 15.03 -32.86 -7.66
C ASP C 121 15.83 -31.57 -7.78
N ILE C 122 16.06 -30.86 -6.68
CA ILE C 122 16.68 -29.54 -6.71
C ILE C 122 18.06 -29.65 -6.07
N ALA C 123 19.11 -29.51 -6.87
CA ALA C 123 20.45 -29.60 -6.33
C ALA C 123 20.80 -28.35 -5.54
N ARG C 124 20.66 -27.17 -6.16
CA ARG C 124 21.01 -25.89 -5.55
C ARG C 124 19.97 -24.85 -5.99
N LEU C 125 19.77 -23.85 -5.14
CA LEU C 125 18.65 -22.92 -5.26
C LEU C 125 19.15 -21.49 -5.06
N VAL C 126 18.77 -20.60 -5.98
CA VAL C 126 19.04 -19.16 -5.86
C VAL C 126 17.73 -18.41 -5.98
N TYR C 127 17.40 -17.62 -4.97
CA TYR C 127 16.21 -16.79 -4.97
C TYR C 127 16.61 -15.33 -4.83
N MET C 128 16.00 -14.46 -5.64
CA MET C 128 16.36 -13.06 -5.58
C MET C 128 15.13 -12.18 -5.68
N GLU C 129 15.12 -11.13 -4.87
CA GLU C 129 14.23 -9.98 -5.00
C GLU C 129 12.75 -10.37 -5.11
N ALA C 130 12.25 -11.03 -4.05
CA ALA C 130 10.81 -11.16 -3.81
C ALA C 130 10.58 -11.89 -2.50
N PRO C 131 9.51 -11.58 -1.79
CA PRO C 131 9.13 -12.41 -0.65
C PRO C 131 8.55 -13.73 -1.11
N ILE C 132 8.88 -14.79 -0.38
CA ILE C 132 8.07 -15.99 -0.53
C ILE C 132 6.67 -15.65 -0.02
N PRO C 133 5.58 -16.05 -0.69
CA PRO C 133 4.26 -15.67 -0.19
C PRO C 133 3.98 -16.25 1.18
N ASP C 134 3.89 -15.36 2.18
CA ASP C 134 3.47 -15.76 3.52
C ASP C 134 2.99 -14.49 4.23
N ALA C 135 2.57 -14.65 5.49
CA ALA C 135 1.91 -13.54 6.20
C ALA C 135 2.79 -12.32 6.38
N ARG C 136 4.10 -12.42 6.17
N ARG C 136 4.11 -12.44 6.19
CA ARG C 136 4.96 -11.25 6.31
CA ARG C 136 4.99 -11.29 6.28
C ARG C 136 4.67 -10.19 5.26
C ARG C 136 4.60 -10.19 5.29
N ILE C 137 4.05 -10.57 4.14
CA ILE C 137 3.72 -9.58 3.13
C ILE C 137 2.61 -8.65 3.60
N TYR C 138 1.82 -9.05 4.59
CA TYR C 138 0.77 -8.19 5.09
C TYR C 138 1.29 -7.10 6.01
N ARG C 139 2.60 -7.03 6.22
CA ARG C 139 3.20 -6.00 7.05
C ARG C 139 3.89 -4.92 6.25
N PHE C 140 4.07 -5.10 4.94
CA PHE C 140 4.67 -4.06 4.13
C PHE C 140 3.78 -2.82 4.15
N PRO C 141 4.34 -1.63 4.30
CA PRO C 141 3.50 -0.42 4.42
C PRO C 141 2.92 0.02 3.10
N ALA C 142 1.69 0.55 3.17
CA ALA C 142 1.04 1.10 1.98
C ALA C 142 1.70 2.40 1.53
N PHE C 143 2.25 3.16 2.46
CA PHE C 143 2.73 4.50 2.18
C PHE C 143 3.88 4.78 3.13
N THR C 144 4.82 5.64 2.70
CA THR C 144 6.04 5.84 3.47
C THR C 144 6.36 7.32 3.61
N ALA C 145 7.31 7.62 4.51
CA ALA C 145 7.74 9.00 4.71
C ALA C 145 8.54 9.53 3.51
N GLN C 146 8.88 8.68 2.55
CA GLN C 146 9.47 9.09 1.28
C GLN C 146 8.47 9.10 0.15
N GLY C 147 7.19 8.90 0.47
CA GLY C 147 6.14 8.93 -0.54
C GLY C 147 5.75 7.55 -1.00
N GLU C 148 5.52 7.42 -2.31
CA GLU C 148 5.04 6.19 -2.91
C GLU C 148 5.83 4.97 -2.44
N SER C 149 5.11 3.96 -1.96
CA SER C 149 5.78 2.75 -1.50
C SER C 149 6.08 1.84 -2.69
N LEU C 150 6.80 0.77 -2.42
CA LEU C 150 7.19 -0.18 -3.46
C LEU C 150 6.24 -1.35 -3.58
N VAL C 151 5.23 -1.42 -2.72
CA VAL C 151 4.37 -2.61 -2.62
C VAL C 151 2.91 -2.28 -2.82
N TRP C 152 2.55 -1.02 -3.08
CA TRP C 152 1.13 -0.72 -3.25
C TRP C 152 0.56 -1.47 -4.45
N HIS C 153 1.40 -1.86 -5.39
CA HIS C 153 0.91 -2.58 -6.56
C HIS C 153 0.29 -3.92 -6.20
N PHE C 154 0.67 -4.53 -5.07
CA PHE C 154 0.02 -5.79 -4.70
C PHE C 154 -1.49 -5.62 -4.68
N SER C 155 -1.96 -4.54 -4.06
CA SER C 155 -3.39 -4.31 -3.92
C SER C 155 -4.01 -3.81 -5.23
N PHE C 156 -3.31 -2.92 -5.93
CA PHE C 156 -3.78 -2.47 -7.24
C PHE C 156 -3.99 -3.66 -8.18
N PHE C 157 -3.00 -4.54 -8.26
CA PHE C 157 -3.09 -5.68 -9.17
C PHE C 157 -4.10 -6.70 -8.71
N ALA C 158 -4.26 -6.87 -7.39
CA ALA C 158 -5.20 -7.84 -6.85
C ALA C 158 -6.63 -7.33 -6.82
N ALA C 159 -6.85 -6.06 -7.14
CA ALA C 159 -8.20 -5.49 -7.06
C ALA C 159 -9.15 -6.17 -8.04
N ASP C 160 -10.41 -6.29 -7.63
CA ASP C 160 -11.42 -6.97 -8.42
C ASP C 160 -11.83 -6.16 -9.64
N ASP C 161 -12.69 -6.78 -10.46
N ASP C 161 -12.69 -6.76 -10.47
CA ASP C 161 -13.30 -6.14 -11.63
CA ASP C 161 -13.30 -6.11 -11.62
C ASP C 161 -12.26 -5.65 -12.63
C ASP C 161 -12.26 -5.64 -12.63
N ARG C 162 -11.13 -6.34 -12.70
CA ARG C 162 -10.04 -6.02 -13.64
C ARG C 162 -9.67 -4.55 -13.59
N LEU C 163 -9.59 -4.01 -12.38
CA LEU C 163 -9.27 -2.60 -12.23
C LEU C 163 -7.97 -2.24 -12.92
N ALA C 164 -6.91 -3.03 -12.68
CA ALA C 164 -5.60 -2.68 -13.22
C ALA C 164 -5.57 -2.78 -14.73
N GLU C 165 -6.11 -3.85 -15.31
CA GLU C 165 -6.15 -3.93 -16.78
C GLU C 165 -6.93 -2.77 -17.37
N THR C 166 -8.03 -2.38 -16.72
CA THR C 166 -8.87 -1.34 -17.28
C THR C 166 -8.14 -0.01 -17.32
N LEU C 167 -7.37 0.29 -16.27
CA LEU C 167 -6.62 1.54 -16.24
C LEU C 167 -5.37 1.51 -17.10
N ILE C 168 -4.69 0.36 -17.17
CA ILE C 168 -3.40 0.30 -17.85
C ILE C 168 -3.52 0.05 -19.36
N ALA C 169 -4.61 -0.55 -19.82
CA ALA C 169 -4.74 -0.87 -21.24
C ALA C 169 -4.58 0.39 -22.09
N GLY C 170 -3.75 0.29 -23.13
CA GLY C 170 -3.41 1.43 -23.95
C GLY C 170 -2.30 2.29 -23.38
N LYS C 171 -1.95 2.12 -22.11
CA LYS C 171 -0.88 2.86 -21.48
C LYS C 171 0.20 1.92 -20.94
N GLU C 172 0.37 0.75 -21.58
CA GLU C 172 1.24 -0.27 -21.01
C GLU C 172 2.68 0.21 -20.95
N ARG C 173 3.13 0.93 -21.98
CA ARG C 173 4.53 1.36 -22.03
C ARG C 173 4.81 2.40 -20.94
N PHE C 174 3.89 3.34 -20.76
CA PHE C 174 4.04 4.35 -19.70
C PHE C 174 4.03 3.67 -18.33
N PHE C 175 3.06 2.79 -18.10
CA PHE C 175 2.98 2.15 -16.78
C PHE C 175 4.21 1.32 -16.50
N LEU C 176 4.66 0.53 -17.47
CA LEU C 176 5.79 -0.35 -17.22
C LEU C 176 7.06 0.43 -16.95
N GLU C 177 7.27 1.52 -17.70
CA GLU C 177 8.44 2.35 -17.43
C GLU C 177 8.41 2.88 -16.00
N HIS C 178 7.24 3.40 -15.56
N HIS C 178 7.24 3.33 -15.54
CA HIS C 178 7.17 3.86 -14.16
CA HIS C 178 7.20 3.87 -14.20
C HIS C 178 7.42 2.71 -13.22
C HIS C 178 7.25 2.78 -13.13
N PHE C 179 6.71 1.60 -13.42
CA PHE C 179 6.83 0.49 -12.48
C PHE C 179 8.28 0.01 -12.38
N ILE C 180 8.94 -0.16 -13.53
CA ILE C 180 10.29 -0.67 -13.51
C ILE C 180 11.23 0.36 -12.90
N LYS C 181 11.19 1.59 -13.38
CA LYS C 181 12.18 2.55 -12.91
C LYS C 181 11.95 2.94 -11.45
N SER C 182 10.69 2.97 -11.00
CA SER C 182 10.47 3.32 -9.59
C SER C 182 10.94 2.23 -8.65
N HIS C 183 11.12 1.00 -9.15
CA HIS C 183 11.69 -0.08 -8.36
C HIS C 183 13.18 -0.26 -8.62
N ALA C 184 13.83 0.68 -9.31
CA ALA C 184 15.23 0.55 -9.67
C ALA C 184 16.09 1.60 -8.97
N SER C 185 17.35 1.24 -8.72
CA SER C 185 18.36 2.24 -8.38
C SER C 185 19.14 2.69 -9.60
N ASN C 186 19.41 1.75 -10.52
CA ASN C 186 20.19 2.01 -11.72
C ASN C 186 19.23 2.01 -12.91
N THR C 187 18.57 3.16 -13.13
CA THR C 187 17.52 3.22 -14.13
C THR C 187 18.06 3.24 -15.55
N GLU C 188 19.31 3.65 -15.76
CA GLU C 188 19.82 3.89 -17.11
C GLU C 188 19.81 2.63 -17.96
N VAL C 189 19.86 1.44 -17.34
CA VAL C 189 19.92 0.21 -18.11
C VAL C 189 18.61 -0.09 -18.81
N PHE C 190 17.51 0.57 -18.42
CA PHE C 190 16.22 0.37 -19.08
C PHE C 190 16.09 1.40 -20.19
N SER C 191 16.70 1.06 -21.31
CA SER C 191 16.71 1.91 -22.48
C SER C 191 15.31 2.00 -23.07
N GLU C 192 15.12 3.00 -23.93
CA GLU C 192 13.88 3.11 -24.70
C GLU C 192 13.55 1.79 -25.39
N ARG C 193 14.54 1.19 -26.05
CA ARG C 193 14.30 -0.03 -26.82
C ARG C 193 13.93 -1.19 -25.91
N LEU C 194 14.64 -1.34 -24.79
CA LEU C 194 14.33 -2.43 -23.87
C LEU C 194 12.91 -2.28 -23.33
N LEU C 195 12.53 -1.07 -22.93
CA LEU C 195 11.18 -0.86 -22.41
C LEU C 195 10.14 -1.09 -23.51
N ASP C 196 10.46 -0.70 -24.75
CA ASP C 196 9.56 -1.01 -25.85
C ASP C 196 9.32 -2.52 -25.97
N LEU C 197 10.39 -3.32 -25.85
CA LEU C 197 10.24 -4.76 -26.01
C LEU C 197 9.39 -5.36 -24.89
N TYR C 198 9.65 -4.97 -23.63
CA TYR C 198 8.86 -5.51 -22.54
C TYR C 198 7.42 -5.01 -22.60
N ALA C 199 7.22 -3.75 -23.00
CA ALA C 199 5.87 -3.20 -23.10
C ALA C 199 5.06 -3.94 -24.15
N ARG C 200 5.63 -4.15 -25.33
CA ARG C 200 4.92 -4.88 -26.37
C ARG C 200 4.51 -6.28 -25.90
N SER C 201 5.38 -6.95 -25.15
CA SER C 201 5.07 -8.30 -24.68
C SER C 201 3.92 -8.28 -23.68
N TYR C 202 4.02 -7.47 -22.64
N TYR C 202 4.02 -7.44 -22.64
CA TYR C 202 2.94 -7.54 -21.65
CA TYR C 202 2.98 -7.42 -21.62
C TYR C 202 1.72 -6.72 -22.04
C TYR C 202 1.69 -6.79 -22.11
N ALA C 203 1.74 -6.02 -23.19
CA ALA C 203 0.55 -5.39 -23.72
C ALA C 203 -0.39 -6.36 -24.40
N LYS C 204 0.08 -7.56 -24.76
CA LYS C 204 -0.85 -8.59 -25.23
C LYS C 204 -1.94 -8.75 -24.19
N PRO C 205 -3.21 -8.59 -24.56
CA PRO C 205 -4.26 -8.59 -23.52
C PRO C 205 -4.20 -9.77 -22.57
N HIS C 206 -3.91 -10.98 -23.06
CA HIS C 206 -3.87 -12.11 -22.15
C HIS C 206 -2.67 -12.04 -21.20
N SER C 207 -1.58 -11.38 -21.61
CA SER C 207 -0.42 -11.29 -20.73
C SER C 207 -0.61 -10.20 -19.70
N LEU C 208 -1.26 -9.09 -20.06
CA LEU C 208 -1.60 -8.09 -19.08
C LEU C 208 -2.49 -8.69 -18.00
N ASN C 209 -3.51 -9.45 -18.42
CA ASN C 209 -4.38 -10.08 -17.43
C ASN C 209 -3.65 -11.16 -16.64
N ALA C 210 -2.87 -12.00 -17.32
CA ALA C 210 -2.12 -13.04 -16.61
C ALA C 210 -1.22 -12.42 -15.54
N SER C 211 -0.54 -11.33 -15.88
CA SER C 211 0.31 -10.64 -14.91
C SER C 211 -0.40 -10.42 -13.60
N PHE C 212 -1.63 -9.92 -13.65
CA PHE C 212 -2.34 -9.57 -12.43
C PHE C 212 -3.02 -10.77 -11.80
N GLU C 213 -3.27 -11.84 -12.56
CA GLU C 213 -3.85 -13.02 -11.93
C GLU C 213 -2.88 -13.65 -10.93
N TYR C 214 -1.57 -13.53 -11.16
CA TYR C 214 -0.61 -13.99 -10.16
C TYR C 214 -0.83 -13.30 -8.82
N TYR C 215 -1.09 -11.99 -8.86
CA TYR C 215 -1.36 -11.25 -7.64
C TYR C 215 -2.74 -11.57 -7.08
N ARG C 216 -3.70 -11.85 -7.95
CA ARG C 216 -5.02 -12.22 -7.48
C ARG C 216 -5.03 -13.60 -6.85
N ALA C 217 -4.00 -14.42 -7.10
CA ALA C 217 -3.87 -15.70 -6.43
C ALA C 217 -2.93 -15.64 -5.25
N LEU C 218 -2.39 -14.46 -4.94
CA LEU C 218 -1.35 -14.36 -3.92
C LEU C 218 -1.83 -14.84 -2.56
N ASN C 219 -3.06 -14.49 -2.16
CA ASN C 219 -3.52 -14.92 -0.85
C ASN C 219 -3.73 -16.43 -0.82
N GLU C 220 -4.20 -17.01 -1.92
CA GLU C 220 -4.25 -18.46 -2.01
C GLU C 220 -2.86 -19.07 -1.88
N SER C 221 -1.85 -18.44 -2.50
CA SER C 221 -0.49 -18.95 -2.38
C SER C 221 0.02 -18.86 -0.95
N VAL C 222 -0.32 -17.76 -0.26
CA VAL C 222 0.05 -17.65 1.15
C VAL C 222 -0.55 -18.80 1.94
N ARG C 223 -1.82 -19.12 1.68
CA ARG C 223 -2.46 -20.18 2.45
C ARG C 223 -1.85 -21.54 2.12
N GLN C 224 -1.51 -21.76 0.85
CA GLN C 224 -0.82 -22.99 0.48
C GLN C 224 0.52 -23.10 1.19
N ASN C 225 1.28 -21.99 1.23
CA ASN C 225 2.63 -22.05 1.78
C ASN C 225 2.62 -22.21 3.30
N ALA C 226 1.53 -21.81 3.97
CA ALA C 226 1.43 -22.03 5.41
C ALA C 226 1.51 -23.52 5.73
N GLU C 227 1.00 -24.38 4.85
CA GLU C 227 1.14 -25.81 5.06
C GLU C 227 2.48 -26.32 4.53
N LEU C 228 2.88 -25.90 3.32
CA LEU C 228 4.11 -26.41 2.72
C LEU C 228 5.33 -26.10 3.58
N ALA C 229 5.34 -24.95 4.26
CA ALA C 229 6.54 -24.53 4.98
C ALA C 229 6.77 -25.33 6.25
N LYS C 230 5.90 -26.28 6.56
CA LYS C 230 6.16 -27.17 7.68
C LYS C 230 7.35 -28.07 7.41
N THR C 231 7.79 -28.19 6.16
CA THR C 231 9.01 -28.90 5.81
C THR C 231 10.05 -27.88 5.36
N ARG C 232 11.15 -27.77 6.11
CA ARG C 232 12.20 -26.83 5.71
C ARG C 232 12.97 -27.36 4.50
N LEU C 233 13.46 -26.42 3.69
CA LEU C 233 14.31 -26.79 2.56
C LEU C 233 15.70 -27.19 3.05
N GLN C 234 16.23 -28.27 2.47
CA GLN C 234 17.51 -28.83 2.92
C GLN C 234 18.66 -28.60 1.96
N MET C 235 18.41 -28.18 0.73
CA MET C 235 19.49 -28.04 -0.24
C MET C 235 20.20 -26.70 -0.07
N PRO C 236 21.44 -26.59 -0.56
CA PRO C 236 22.14 -25.30 -0.47
C PRO C 236 21.38 -24.21 -1.22
N THR C 237 21.14 -23.10 -0.53
CA THR C 237 20.40 -21.98 -1.12
C THR C 237 21.17 -20.70 -0.93
N MET C 238 21.00 -19.80 -1.88
CA MET C 238 21.57 -18.47 -1.82
C MET C 238 20.47 -17.47 -2.14
N THR C 239 20.41 -16.38 -1.38
CA THR C 239 19.51 -15.28 -1.67
C THR C 239 20.31 -14.06 -2.09
N LEU C 240 19.74 -13.30 -3.03
CA LEU C 240 20.29 -12.03 -3.47
C LEU C 240 19.20 -10.97 -3.35
N ALA C 241 19.58 -9.78 -2.91
CA ALA C 241 18.64 -8.68 -2.82
C ALA C 241 19.38 -7.40 -3.14
N GLY C 242 18.64 -6.42 -3.64
CA GLY C 242 19.24 -5.11 -3.89
C GLY C 242 19.29 -4.29 -2.61
N GLY C 243 20.39 -3.57 -2.44
CA GLY C 243 20.52 -2.69 -1.30
C GLY C 243 20.16 -1.24 -1.53
N GLY C 244 19.80 -0.88 -2.77
CA GLY C 244 19.41 0.46 -3.10
C GLY C 244 17.89 0.63 -3.11
N HIS C 245 17.48 1.84 -3.46
CA HIS C 245 16.08 2.13 -3.71
C HIS C 245 15.46 1.05 -4.58
N GLY C 246 14.34 0.48 -4.14
CA GLY C 246 13.58 -0.45 -4.93
C GLY C 246 13.75 -1.90 -4.55
N GLY C 247 14.79 -2.23 -3.78
CA GLY C 247 15.12 -3.61 -3.48
C GLY C 247 14.52 -4.07 -2.16
N MET C 248 14.76 -5.36 -1.86
CA MET C 248 14.26 -5.97 -0.65
C MET C 248 15.21 -5.78 0.53
N GLY C 249 16.47 -5.44 0.26
CA GLY C 249 17.42 -5.27 1.35
C GLY C 249 17.54 -6.53 2.18
N THR C 250 17.62 -6.35 3.50
CA THR C 250 17.89 -7.47 4.38
C THR C 250 16.70 -8.41 4.53
N PHE C 251 15.50 -8.01 4.07
CA PHE C 251 14.33 -8.87 4.23
C PHE C 251 14.53 -10.22 3.55
N GLN C 252 15.18 -10.22 2.39
CA GLN C 252 15.27 -11.43 1.57
C GLN C 252 15.92 -12.57 2.35
N LEU C 253 17.13 -12.34 2.86
CA LEU C 253 17.82 -13.39 3.60
C LEU C 253 17.10 -13.69 4.92
N GLU C 254 16.60 -12.65 5.61
CA GLU C 254 15.94 -12.91 6.89
C GLU C 254 14.75 -13.83 6.71
N GLN C 255 13.93 -13.60 5.69
CA GLN C 255 12.78 -14.48 5.49
C GLN C 255 13.23 -15.87 5.12
N MET C 256 14.25 -15.99 4.27
CA MET C 256 14.65 -17.29 3.77
C MET C 256 15.15 -18.19 4.90
N LYS C 257 15.71 -17.59 5.96
CA LYS C 257 16.19 -18.38 7.09
C LYS C 257 15.09 -19.16 7.75
N ALA C 258 13.84 -18.70 7.63
CA ALA C 258 12.70 -19.45 8.14
C ALA C 258 12.30 -20.61 7.25
N TYR C 259 12.84 -20.65 6.03
CA TYR C 259 12.49 -21.67 5.06
C TYR C 259 13.61 -22.66 4.78
N ALA C 260 14.86 -22.27 4.96
CA ALA C 260 16.00 -23.02 4.45
C ALA C 260 17.01 -23.25 5.56
N GLU C 261 17.48 -24.49 5.68
CA GLU C 261 18.48 -24.84 6.68
C GLU C 261 19.86 -24.33 6.30
N ASP C 262 20.16 -24.30 5.02
CA ASP C 262 21.50 -24.00 4.49
C ASP C 262 21.35 -22.81 3.54
N VAL C 263 21.51 -21.60 4.06
CA VAL C 263 21.30 -20.41 3.23
C VAL C 263 22.44 -19.42 3.45
N GLU C 264 22.91 -18.84 2.35
CA GLU C 264 23.78 -17.69 2.39
C GLU C 264 23.12 -16.56 1.62
N GLY C 265 23.32 -15.33 2.07
CA GLY C 265 22.65 -14.19 1.48
C GLY C 265 23.61 -13.07 1.14
N HIS C 266 23.23 -12.31 0.11
CA HIS C 266 24.00 -11.13 -0.26
C HIS C 266 23.05 -9.99 -0.57
N VAL C 267 23.44 -8.79 -0.17
CA VAL C 267 22.72 -7.57 -0.51
C VAL C 267 23.65 -6.76 -1.39
N LEU C 268 23.21 -6.50 -2.61
CA LEU C 268 24.06 -5.87 -3.61
C LEU C 268 23.90 -4.35 -3.54
N PRO C 269 24.95 -3.64 -3.24
CA PRO C 269 24.83 -2.20 -3.12
C PRO C 269 24.53 -1.55 -4.43
N GLY C 270 23.75 -0.49 -4.37
CA GLY C 270 23.50 0.31 -5.54
C GLY C 270 22.60 -0.34 -6.56
N CYS C 271 21.83 -1.30 -6.13
CA CYS C 271 20.89 -2.00 -6.99
C CYS C 271 19.53 -2.05 -6.33
N GLY C 272 18.50 -1.93 -7.16
CA GLY C 272 17.14 -2.04 -6.68
C GLY C 272 16.61 -3.44 -6.88
N HIS C 273 15.41 -3.50 -7.46
CA HIS C 273 14.67 -4.75 -7.60
C HIS C 273 15.20 -5.59 -8.75
N TRP C 274 15.71 -4.98 -9.81
CA TRP C 274 15.94 -5.69 -11.06
C TRP C 274 17.40 -6.11 -11.17
N LEU C 275 17.81 -7.03 -10.30
CA LEU C 275 19.22 -7.41 -10.21
C LEU C 275 19.85 -7.82 -11.53
N PRO C 276 19.23 -8.69 -12.36
CA PRO C 276 19.94 -9.13 -13.58
C PRO C 276 20.25 -7.99 -14.54
N GLU C 277 19.45 -6.92 -14.55
CA GLU C 277 19.72 -5.80 -15.43
C GLU C 277 20.48 -4.68 -14.74
N GLU C 278 20.14 -4.34 -13.50
CA GLU C 278 20.77 -3.21 -12.83
C GLU C 278 22.19 -3.50 -12.36
N CYS C 279 22.48 -4.75 -11.97
CA CYS C 279 23.87 -5.12 -11.66
C CYS C 279 24.17 -6.53 -12.15
N ALA C 280 24.12 -6.66 -13.47
CA ALA C 280 24.48 -7.91 -14.10
C ALA C 280 25.84 -8.43 -13.65
N ALA C 281 26.84 -7.56 -13.59
CA ALA C 281 28.20 -8.06 -13.34
C ALA C 281 28.32 -8.71 -11.97
N PRO C 282 28.00 -8.04 -10.85
CA PRO C 282 28.13 -8.74 -9.56
C PRO C 282 27.12 -9.85 -9.36
N MET C 283 25.92 -9.70 -9.89
CA MET C 283 24.93 -10.76 -9.73
C MET C 283 25.36 -12.01 -10.47
N ASN C 284 25.81 -11.85 -11.73
CA ASN C 284 26.24 -13.00 -12.53
C ASN C 284 27.38 -13.74 -11.85
N ARG C 285 28.33 -12.99 -11.27
CA ARG C 285 29.45 -13.65 -10.63
C ARG C 285 28.99 -14.45 -9.41
N LEU C 286 28.14 -13.85 -8.57
CA LEU C 286 27.65 -14.55 -7.39
C LEU C 286 26.89 -15.82 -7.78
N VAL C 287 26.03 -15.74 -8.79
CA VAL C 287 25.23 -16.90 -9.18
C VAL C 287 26.11 -17.98 -9.77
N ILE C 288 27.01 -17.61 -10.68
CA ILE C 288 27.85 -18.62 -11.33
C ILE C 288 28.75 -19.28 -10.30
N ASP C 289 29.35 -18.50 -9.41
CA ASP C 289 30.21 -19.08 -8.37
C ASP C 289 29.42 -20.02 -7.47
N PHE C 290 28.22 -19.61 -7.05
CA PHE C 290 27.43 -20.45 -6.16
C PHE C 290 27.03 -21.77 -6.82
N LEU C 291 26.59 -21.71 -8.08
CA LEU C 291 26.16 -22.92 -8.76
C LEU C 291 27.34 -23.81 -9.10
N SER C 292 28.55 -23.24 -9.26
CA SER C 292 29.72 -24.02 -9.64
C SER C 292 30.36 -24.75 -8.46
N ARG C 293 29.86 -24.57 -7.24
CA ARG C 293 30.26 -25.46 -6.17
C ARG C 293 29.76 -26.89 -6.40
N GLY C 294 28.63 -27.07 -7.09
CA GLY C 294 28.23 -28.36 -7.54
C GLY C 294 29.19 -28.93 -8.61
N VAL D 4 28.87 12.39 -9.42
CA VAL D 4 27.91 12.49 -8.33
C VAL D 4 27.07 13.76 -8.48
N GLN D 5 27.64 14.79 -9.12
CA GLN D 5 26.94 16.06 -9.35
C GLN D 5 26.42 16.64 -8.03
N LEU D 6 27.25 16.56 -6.99
CA LEU D 6 26.86 16.98 -5.65
C LEU D 6 26.66 18.48 -5.58
N VAL D 7 25.50 18.91 -5.10
CA VAL D 7 25.19 20.32 -4.88
C VAL D 7 24.65 20.47 -3.46
N GLU D 8 25.33 21.25 -2.63
CA GLU D 8 24.92 21.50 -1.25
C GLU D 8 24.61 22.97 -1.09
N SER D 9 23.44 23.29 -0.57
CA SER D 9 23.03 24.68 -0.50
C SER D 9 22.08 24.90 0.67
N GLY D 10 21.78 26.16 0.94
CA GLY D 10 20.78 26.52 1.92
C GLY D 10 21.33 27.17 3.16
N GLY D 11 22.65 27.15 3.34
CA GLY D 11 23.23 27.79 4.51
C GLY D 11 23.07 29.30 4.44
N GLY D 12 23.14 29.92 5.61
CA GLY D 12 23.06 31.37 5.65
C GLY D 12 23.44 31.87 7.00
N LEU D 13 23.49 33.19 7.11
CA LEU D 13 23.62 33.88 8.39
C LEU D 13 22.22 34.11 8.94
N VAL D 14 21.92 33.48 10.08
CA VAL D 14 20.55 33.51 10.61
C VAL D 14 20.59 33.74 12.12
N PRO D 15 19.69 34.54 12.67
CA PRO D 15 19.70 34.77 14.12
C PRO D 15 19.24 33.54 14.88
N ALA D 16 19.75 33.41 16.10
CA ALA D 16 19.38 32.30 16.97
C ALA D 16 17.86 32.28 17.15
N GLY D 17 17.31 31.07 17.23
CA GLY D 17 15.88 30.90 17.25
C GLY D 17 15.24 30.82 15.88
N GLY D 18 15.96 31.17 14.83
CA GLY D 18 15.44 31.10 13.48
C GLY D 18 15.58 29.70 12.90
N SER D 19 15.28 29.59 11.60
CA SER D 19 15.28 28.31 10.92
C SER D 19 15.96 28.41 9.57
N LEU D 20 16.43 27.27 9.08
CA LEU D 20 16.97 27.12 7.74
C LEU D 20 16.59 25.74 7.23
N ARG D 21 16.55 25.60 5.91
CA ARG D 21 16.45 24.29 5.27
C ARG D 21 17.62 24.11 4.33
N LEU D 22 18.43 23.08 4.58
CA LEU D 22 19.54 22.75 3.71
C LEU D 22 19.07 21.76 2.66
N SER D 23 19.72 21.80 1.50
CA SER D 23 19.41 20.87 0.43
C SER D 23 20.69 20.23 -0.08
N CYS D 24 20.62 18.94 -0.36
CA CYS D 24 21.70 18.19 -0.97
C CYS D 24 21.12 17.44 -2.15
N THR D 25 21.63 17.71 -3.35
CA THR D 25 21.18 17.09 -4.57
C THR D 25 22.34 16.36 -5.21
N THR D 26 22.08 15.15 -5.72
CA THR D 26 23.10 14.41 -6.45
C THR D 26 22.48 13.83 -7.71
N SER D 27 23.30 13.13 -8.48
CA SER D 27 22.79 12.36 -9.60
C SER D 27 21.80 11.31 -9.09
N GLU D 28 20.93 10.86 -9.98
CA GLU D 28 19.92 9.90 -9.57
C GLU D 28 20.54 8.61 -9.02
N ARG D 29 21.53 8.08 -9.72
CA ARG D 29 22.06 6.79 -9.30
C ARG D 29 22.70 6.89 -7.95
N ALA D 30 23.48 7.96 -7.72
CA ALA D 30 24.12 8.13 -6.42
C ALA D 30 23.08 8.24 -5.31
N PHE D 31 21.99 8.97 -5.58
CA PHE D 31 20.98 9.24 -4.57
C PHE D 31 20.25 7.96 -4.20
N ARG D 32 19.83 7.21 -5.22
CA ARG D 32 19.07 5.99 -5.00
C ARG D 32 19.92 4.84 -4.46
N SER D 33 21.22 4.90 -4.62
CA SER D 33 22.05 3.81 -4.18
C SER D 33 22.46 3.89 -2.73
N ASN D 34 22.11 4.99 -2.06
CA ASN D 34 22.72 5.31 -0.77
C ASN D 34 21.76 5.86 0.25
N ALA D 35 22.04 5.52 1.51
CA ALA D 35 21.40 6.21 2.59
C ALA D 35 22.07 7.55 2.61
N MET D 36 21.25 8.59 2.67
CA MET D 36 21.75 9.93 2.57
C MET D 36 21.80 10.59 3.94
N GLY D 37 22.93 11.25 4.21
CA GLY D 37 23.17 11.79 5.54
C GLY D 37 23.70 13.21 5.49
N TRP D 38 23.33 13.96 6.52
CA TRP D 38 23.88 15.27 6.79
C TRP D 38 24.87 15.18 7.94
N PHE D 39 25.95 15.93 7.82
CA PHE D 39 27.02 15.99 8.79
C PHE D 39 27.32 17.46 9.02
N ARG D 40 28.06 17.75 10.09
CA ARG D 40 28.48 19.13 10.25
C ARG D 40 29.86 19.15 10.88
N GLN D 41 30.59 20.23 10.59
CA GLN D 41 31.92 20.38 11.15
C GLN D 41 32.19 21.87 11.35
N ALA D 42 32.46 22.26 12.59
CA ALA D 42 32.98 23.59 12.85
C ALA D 42 34.50 23.58 12.71
N PRO D 43 35.09 24.69 12.27
CA PRO D 43 36.55 24.70 12.04
C PRO D 43 37.32 24.27 13.28
N GLY D 44 38.26 23.34 13.07
CA GLY D 44 39.08 22.83 14.15
C GLY D 44 38.43 21.77 15.02
N LYS D 45 37.22 21.37 14.69
CA LYS D 45 36.53 20.34 15.44
C LYS D 45 36.29 19.13 14.58
N GLU D 46 35.78 18.05 15.23
CA GLU D 46 35.45 16.82 14.53
C GLU D 46 34.20 16.98 13.69
N ARG D 47 34.18 16.30 12.57
CA ARG D 47 32.95 16.19 11.83
C ARG D 47 32.02 15.30 12.62
N GLU D 48 30.78 15.67 12.69
CA GLU D 48 29.84 14.88 13.45
C GLU D 48 28.60 14.59 12.61
N PHE D 49 28.05 13.40 12.86
CA PHE D 49 26.82 12.96 12.21
C PHE D 49 25.63 13.77 12.72
N VAL D 50 24.79 14.23 11.81
CA VAL D 50 23.59 15.00 12.15
C VAL D 50 22.32 14.19 11.94
N ALA D 51 22.12 13.65 10.74
CA ALA D 51 20.86 12.96 10.42
C ALA D 51 21.05 12.15 9.15
N ALA D 52 20.24 11.10 9.02
CA ALA D 52 20.31 10.30 7.79
C ALA D 52 18.97 9.64 7.54
N VAL D 53 18.77 9.36 6.26
N VAL D 53 18.73 9.42 6.25
CA VAL D 53 17.55 8.68 5.80
CA VAL D 53 17.55 8.68 5.80
C VAL D 53 17.88 7.53 4.85
C VAL D 53 17.96 7.51 4.90
N SER D 54 17.34 6.35 5.14
CA SER D 54 17.72 5.20 4.34
C SER D 54 17.10 5.30 2.95
N VAL D 55 17.54 4.38 2.08
CA VAL D 55 16.80 4.17 0.83
C VAL D 55 15.48 3.49 1.17
N LEU D 56 14.59 3.48 0.21
CA LEU D 56 13.30 2.84 0.36
C LEU D 56 13.44 1.38 -0.04
N SER D 57 13.10 0.46 0.86
CA SER D 57 12.97 -0.94 0.53
C SER D 57 11.49 -1.34 0.58
N TRP D 58 11.20 -2.59 0.23
CA TRP D 58 9.81 -3.04 0.24
C TRP D 58 9.23 -2.99 1.65
N SER D 59 10.06 -3.14 2.68
CA SER D 59 9.63 -3.04 4.07
C SER D 59 9.43 -1.62 4.56
N GLY D 60 9.85 -0.61 3.79
CA GLY D 60 9.77 0.75 4.23
C GLY D 60 11.15 1.38 4.31
N ASP D 61 11.28 2.33 5.23
CA ASP D 61 12.54 3.05 5.35
C ASP D 61 12.79 3.35 6.81
N SER D 62 13.87 4.09 7.06
CA SER D 62 14.22 4.44 8.43
C SER D 62 14.99 5.75 8.37
N ALA D 63 14.94 6.49 9.45
CA ALA D 63 15.65 7.76 9.51
C ALA D 63 16.13 7.93 10.93
N VAL D 64 17.26 8.62 11.10
CA VAL D 64 17.83 8.86 12.41
C VAL D 64 18.26 10.32 12.48
N VAL D 65 17.98 10.96 13.61
CA VAL D 65 18.48 12.29 13.91
C VAL D 65 19.31 12.18 15.19
N ALA D 66 20.50 12.79 15.18
CA ALA D 66 21.40 12.73 16.33
C ALA D 66 20.78 13.40 17.55
N ASP D 67 21.13 12.88 18.74
CA ASP D 67 20.59 13.40 19.99
C ASP D 67 20.81 14.90 20.14
N SER D 68 21.96 15.40 19.67
CA SER D 68 22.28 16.82 19.81
C SER D 68 21.30 17.72 19.06
N VAL D 69 20.52 17.19 18.11
CA VAL D 69 19.62 18.06 17.36
C VAL D 69 18.20 17.50 17.32
N ALA D 70 17.96 16.40 18.04
CA ALA D 70 16.63 15.79 18.02
C ALA D 70 15.61 16.77 18.59
N GLY D 71 14.42 16.75 18.01
CA GLY D 71 13.39 17.71 18.34
C GLY D 71 13.50 19.04 17.63
N ARG D 72 14.66 19.34 17.03
CA ARG D 72 14.86 20.58 16.31
C ARG D 72 15.13 20.39 14.83
N PHE D 73 15.89 19.35 14.45
CA PHE D 73 16.22 19.08 13.06
C PHE D 73 15.43 17.86 12.58
N THR D 74 15.00 17.89 11.34
CA THR D 74 14.39 16.74 10.69
C THR D 74 15.00 16.59 9.32
N ILE D 75 14.90 15.39 8.77
CA ILE D 75 15.49 15.07 7.49
C ILE D 75 14.46 14.34 6.65
N PHE D 76 14.44 14.63 5.35
CA PHE D 76 13.53 13.89 4.47
C PHE D 76 14.05 13.90 3.05
N ARG D 77 13.71 12.84 2.32
CA ARG D 77 14.07 12.70 0.92
C ARG D 77 12.97 13.23 0.03
N ASP D 78 13.36 13.85 -1.07
CA ASP D 78 12.46 14.10 -2.19
C ASP D 78 13.01 13.28 -3.35
N ASN D 79 12.47 12.07 -3.52
CA ASN D 79 13.04 11.15 -4.51
C ASN D 79 12.83 11.68 -5.93
N ALA D 80 11.78 12.46 -6.16
CA ALA D 80 11.55 13.03 -7.48
C ALA D 80 12.65 14.00 -7.87
N LYS D 81 13.26 14.68 -6.89
CA LYS D 81 14.27 15.69 -7.15
C LYS D 81 15.67 15.23 -6.79
N ASN D 82 15.85 13.97 -6.38
CA ASN D 82 17.17 13.44 -6.00
C ASN D 82 17.80 14.34 -4.95
N THR D 83 16.98 14.84 -4.04
CA THR D 83 17.42 15.82 -3.05
C THR D 83 17.03 15.36 -1.65
N VAL D 84 17.96 15.51 -0.71
CA VAL D 84 17.65 15.27 0.69
C VAL D 84 17.73 16.60 1.42
N TYR D 85 16.77 16.85 2.30
CA TYR D 85 16.61 18.15 2.95
C TYR D 85 16.90 17.99 4.43
N LEU D 86 17.49 19.03 5.02
CA LEU D 86 17.64 19.12 6.46
C LEU D 86 16.90 20.37 6.91
N GLN D 87 15.80 20.17 7.64
CA GLN D 87 15.00 21.26 8.19
C GLN D 87 15.53 21.54 9.58
N MET D 88 16.03 22.75 9.79
CA MET D 88 16.63 23.10 11.06
C MET D 88 15.81 24.19 11.72
N ASN D 89 15.20 23.85 12.84
CA ASN D 89 14.40 24.83 13.57
C ASN D 89 15.11 25.19 14.87
N SER D 90 14.71 26.34 15.43
CA SER D 90 15.21 26.77 16.74
C SER D 90 16.73 26.73 16.79
N LEU D 91 17.35 27.39 15.82
CA LEU D 91 18.80 27.34 15.70
C LEU D 91 19.47 28.02 16.89
N LYS D 92 20.60 27.46 17.31
CA LYS D 92 21.42 27.98 18.39
C LYS D 92 22.81 28.30 17.86
N PRO D 93 23.53 29.23 18.48
CA PRO D 93 24.91 29.49 18.04
C PRO D 93 25.76 28.25 17.96
N GLU D 94 25.52 27.27 18.84
CA GLU D 94 26.26 26.02 18.80
C GLU D 94 26.00 25.20 17.54
N ASP D 95 24.99 25.56 16.72
CA ASP D 95 24.74 24.89 15.45
C ASP D 95 25.61 25.44 14.32
N THR D 96 26.40 26.49 14.57
CA THR D 96 27.25 27.05 13.53
C THR D 96 28.29 26.02 13.10
N ALA D 97 28.43 25.85 11.79
CA ALA D 97 29.30 24.83 11.21
C ALA D 97 29.13 24.88 9.70
N VAL D 98 30.05 24.23 9.00
CA VAL D 98 29.80 23.85 7.62
C VAL D 98 29.07 22.51 7.63
N TYR D 99 27.94 22.44 6.93
CA TYR D 99 27.15 21.22 6.87
C TYR D 99 27.44 20.51 5.55
N TYR D 100 27.66 19.20 5.63
CA TYR D 100 28.09 18.39 4.51
C TYR D 100 27.12 17.24 4.31
N CYS D 101 26.91 16.89 3.05
CA CYS D 101 26.05 15.79 2.66
C CYS D 101 26.90 14.63 2.15
N ASN D 102 26.56 13.41 2.56
CA ASN D 102 27.21 12.26 1.95
C ASN D 102 26.27 11.07 2.01
N GLY D 103 26.74 9.94 1.49
CA GLY D 103 25.91 8.75 1.40
C GLY D 103 26.72 7.52 1.74
N ALA D 104 26.02 6.45 2.12
CA ALA D 104 26.66 5.17 2.35
C ALA D 104 25.62 4.08 2.17
N SER D 105 26.06 2.82 2.36
CA SER D 105 25.17 1.69 2.08
C SER D 105 23.99 1.63 3.06
N ASP D 106 24.15 2.08 4.30
CA ASP D 106 23.00 2.20 5.18
C ASP D 106 23.32 3.25 6.23
N ILE D 107 22.32 3.54 7.08
CA ILE D 107 22.48 4.60 8.08
C ILE D 107 23.60 4.25 9.05
N GLY D 108 23.69 2.98 9.44
CA GLY D 108 24.75 2.58 10.35
C GLY D 108 26.14 2.85 9.81
N ALA D 109 26.31 2.68 8.49
CA ALA D 109 27.60 2.97 7.87
C ALA D 109 27.89 4.47 7.89
N LEU D 110 26.88 5.31 7.64
CA LEU D 110 27.07 6.75 7.74
C LEU D 110 27.50 7.14 9.15
N GLN D 111 26.84 6.57 10.15
CA GLN D 111 27.19 6.86 11.54
C GLN D 111 28.60 6.40 11.86
N SER D 112 29.08 5.38 11.17
CA SER D 112 30.42 4.84 11.42
C SER D 112 31.53 5.57 10.68
N GLY D 113 31.19 6.49 9.77
CA GLY D 113 32.19 7.27 9.07
C GLY D 113 32.36 6.92 7.61
N ALA D 114 31.60 5.96 7.08
CA ALA D 114 31.73 5.59 5.68
C ALA D 114 31.12 6.67 4.79
N SER D 115 31.65 6.78 3.57
CA SER D 115 31.13 7.76 2.61
C SER D 115 31.33 7.23 1.20
N SER D 116 30.32 7.41 0.37
CA SER D 116 30.37 6.95 -1.01
C SER D 116 31.02 7.94 -1.97
N TRP D 117 31.19 9.20 -1.58
CA TRP D 117 31.91 10.14 -2.44
C TRP D 117 32.80 11.02 -1.59
N SER D 118 33.77 11.66 -2.24
CA SER D 118 34.60 12.62 -1.53
C SER D 118 33.74 13.78 -1.05
N TRP D 119 34.10 14.33 0.10
CA TRP D 119 33.32 15.41 0.71
C TRP D 119 33.30 16.62 -0.20
N GLY D 120 32.13 17.24 -0.31
CA GLY D 120 31.96 18.43 -1.11
C GLY D 120 32.37 19.68 -0.32
N HIS D 121 32.06 20.83 -0.90
CA HIS D 121 32.35 22.10 -0.24
C HIS D 121 31.48 22.33 0.98
N GLY D 122 30.33 21.67 1.07
CA GLY D 122 29.42 21.91 2.16
C GLY D 122 28.65 23.19 1.97
N THR D 123 27.84 23.52 2.98
CA THR D 123 27.14 24.79 3.01
C THR D 123 27.28 25.38 4.41
N GLN D 124 27.67 26.66 4.46
CA GLN D 124 28.02 27.29 5.73
C GLN D 124 26.78 27.81 6.44
N VAL D 125 26.63 27.43 7.71
CA VAL D 125 25.52 27.86 8.55
C VAL D 125 26.11 28.67 9.71
N THR D 126 25.75 29.94 9.78
CA THR D 126 26.25 30.83 10.84
C THR D 126 25.05 31.32 11.63
N VAL D 127 25.02 30.98 12.92
CA VAL D 127 23.90 31.38 13.78
C VAL D 127 24.35 32.55 14.64
N SER D 128 23.79 33.72 14.35
CA SER D 128 24.15 34.95 15.05
C SER D 128 23.33 35.09 16.33
N SER D 129 23.55 36.19 17.05
CA SER D 129 22.94 36.40 18.34
C SER D 129 21.41 36.45 18.29
#